data_2F27
#
_entry.id   2F27
#
_cell.length_a   158.040
_cell.length_b   74.400
_cell.length_c   77.390
_cell.angle_alpha   90.00
_cell.angle_beta   93.39
_cell.angle_gamma   90.00
#
_symmetry.space_group_name_H-M   'C 1 2 1'
#
loop_
_entity.id
_entity.type
_entity.pdbx_description
1 polymer 'Sialidase 2'
2 non-polymer '2-DEOXY-2,3-DEHYDRO-N-ACETYL-NEURAMINIC ACID'
3 non-polymer '4-(2-HYDROXYETHYL)-1-PIPERAZINE ETHANESULFONIC ACID'
4 water water
#
_entity_poly.entity_id   1
_entity_poly.type   'polypeptide(L)'
_entity_poly.pdbx_seq_one_letter_code
;GSMASLPVLQKESVFQSGAHAYRIPALLYLPGQQSLLAFAEQRASKKDEHAELIVLRRGDYDAPTHQVQWQAQEVVAQAR
LDGHRSMNPCPLYDAQTGTLFLFFIAIPGQVTQEQQLQTRANVTRLCQVTSTDHGRTWSSPRDLTDAAIGPAYREWSTFA
VGPGHCLQLNDRARSLVVPAYAYRKLHPIQRPIPSAFCFLSHDHGRTWARGHFVAQDTLECQVAEVETGEQRVVTLNARS
HLRARVQAQSTNDGLDFQESQLVKKLVEPPPQGCQGSVISFPSPRSGPGSPAQWLLYTHPTHSWQRADLGAYLNPRPPAP
EAWSEPVLLAKGSCAYSDLQSMGTGPDGSPLFGCLYEANDYEEIVFLMFTLKQAFPAEYLPQ
;
_entity_poly.pdbx_strand_id   A,B
#
loop_
_chem_comp.id
_chem_comp.type
_chem_comp.name
_chem_comp.formula
DAN D-saccharide '2-DEOXY-2,3-DEHYDRO-N-ACETYL-NEURAMINIC ACID' 'C11 H17 N O8'
EPE non-polymer '4-(2-HYDROXYETHYL)-1-PIPERAZINE ETHANESULFONIC ACID' 'C8 H18 N2 O4 S'
#
# COMPACT_ATOMS: atom_id res chain seq x y z
N MET A 3 4.78 37.78 -20.82
CA MET A 3 3.56 37.58 -21.66
C MET A 3 3.81 36.52 -22.73
N ALA A 4 5.01 36.53 -23.32
CA ALA A 4 5.35 35.55 -24.34
C ALA A 4 5.59 34.20 -23.67
N SER A 5 5.33 33.12 -24.39
CA SER A 5 5.55 31.80 -23.82
C SER A 5 7.06 31.57 -23.66
N LEU A 6 7.41 30.45 -23.06
CA LEU A 6 8.80 30.07 -22.82
C LEU A 6 9.67 29.88 -24.05
N PRO A 7 10.82 30.57 -24.11
CA PRO A 7 11.65 30.35 -25.30
C PRO A 7 12.25 28.95 -25.09
N VAL A 8 12.13 28.09 -26.10
CA VAL A 8 12.60 26.71 -25.99
C VAL A 8 13.65 26.36 -27.05
N LEU A 9 14.25 25.18 -26.97
CA LEU A 9 15.23 24.77 -27.96
C LEU A 9 14.58 24.54 -29.32
N GLN A 10 13.34 24.05 -29.31
CA GLN A 10 12.65 23.76 -30.55
C GLN A 10 11.14 23.72 -30.39
N LYS A 11 10.44 24.15 -31.43
CA LYS A 11 8.98 24.16 -31.47
C LYS A 11 8.58 23.87 -32.92
N GLU A 12 7.96 22.73 -33.14
CA GLU A 12 7.58 22.35 -34.50
C GLU A 12 6.32 21.51 -34.58
N SER A 13 5.48 21.79 -35.58
CA SER A 13 4.25 21.04 -35.79
C SER A 13 4.62 19.72 -36.47
N VAL A 14 4.35 18.60 -35.80
CA VAL A 14 4.69 17.31 -36.38
C VAL A 14 3.50 16.64 -37.07
N PHE A 15 2.29 17.12 -36.75
CA PHE A 15 1.06 16.62 -37.33
C PHE A 15 0.13 17.80 -37.57
N GLN A 16 -0.61 17.76 -38.67
CA GLN A 16 -1.54 18.83 -39.03
C GLN A 16 -2.78 18.24 -39.68
N SER A 17 -3.92 18.90 -39.48
CA SER A 17 -5.15 18.46 -40.12
C SER A 17 -4.94 18.58 -41.61
N GLY A 18 -5.50 17.64 -42.36
CA GLY A 18 -5.38 17.66 -43.81
C GLY A 18 -6.55 16.83 -44.32
N ALA A 19 -6.25 15.67 -44.87
CA ALA A 19 -7.30 14.78 -45.34
C ALA A 19 -7.84 14.06 -44.11
N HIS A 20 -7.05 14.08 -43.03
CA HIS A 20 -7.41 13.44 -41.76
C HIS A 20 -7.13 14.43 -40.63
N ALA A 21 -7.68 14.16 -39.45
CA ALA A 21 -7.42 14.99 -38.29
C ALA A 21 -6.49 14.16 -37.40
N TYR A 22 -5.72 14.80 -36.55
CA TYR A 22 -4.80 14.07 -35.67
C TYR A 22 -4.94 14.49 -34.22
N ARG A 23 -5.12 13.51 -33.35
CA ARG A 23 -5.26 13.76 -31.92
C ARG A 23 -4.59 12.65 -31.12
N ILE A 24 -4.55 12.86 -29.80
CA ILE A 24 -4.02 11.90 -28.86
C ILE A 24 -2.54 11.55 -29.05
N PRO A 25 -1.65 12.49 -28.74
CA PRO A 25 -0.20 12.25 -28.89
C PRO A 25 0.38 11.30 -27.85
N ALA A 26 1.46 10.64 -28.25
CA ALA A 26 2.20 9.74 -27.37
C ALA A 26 3.65 9.87 -27.81
N LEU A 27 4.55 10.09 -26.85
CA LEU A 27 5.96 10.26 -27.17
C LEU A 27 6.83 9.26 -26.40
N LEU A 28 7.80 8.66 -27.09
CA LEU A 28 8.69 7.70 -26.46
C LEU A 28 10.12 7.97 -26.90
N TYR A 29 11.02 8.13 -25.93
CA TYR A 29 12.42 8.36 -26.26
C TYR A 29 13.19 7.04 -26.18
N LEU A 30 13.95 6.73 -27.22
CA LEU A 30 14.76 5.51 -27.29
C LEU A 30 16.22 5.94 -27.06
N PRO A 31 16.67 5.88 -25.80
CA PRO A 31 18.04 6.28 -25.45
C PRO A 31 19.19 5.73 -26.30
N GLY A 32 19.15 4.44 -26.59
CA GLY A 32 20.21 3.86 -27.39
C GLY A 32 20.19 4.29 -28.85
N GLN A 33 19.03 4.72 -29.33
CA GLN A 33 18.87 5.14 -30.70
C GLN A 33 18.98 6.66 -30.85
N GLN A 34 18.87 7.36 -29.73
CA GLN A 34 18.92 8.82 -29.73
C GLN A 34 17.80 9.33 -30.64
N SER A 35 16.67 8.65 -30.61
CA SER A 35 15.53 9.05 -31.42
C SER A 35 14.22 9.04 -30.63
N LEU A 36 13.25 9.79 -31.15
CA LEU A 36 11.93 9.86 -30.51
C LEU A 36 10.87 9.23 -31.42
N LEU A 37 9.86 8.65 -30.80
CA LEU A 37 8.75 8.07 -31.54
C LEU A 37 7.52 8.88 -31.16
N ALA A 38 6.97 9.59 -32.13
CA ALA A 38 5.77 10.40 -31.88
C ALA A 38 4.58 9.68 -32.50
N PHE A 39 3.65 9.28 -31.65
CA PHE A 39 2.44 8.58 -32.10
C PHE A 39 1.25 9.50 -31.99
N ALA A 40 0.21 9.20 -32.77
CA ALA A 40 -1.02 9.97 -32.76
C ALA A 40 -2.11 9.16 -33.45
N GLU A 41 -3.36 9.48 -33.13
CA GLU A 41 -4.51 8.83 -33.74
C GLU A 41 -4.85 9.58 -35.01
N GLN A 42 -4.97 8.86 -36.11
CA GLN A 42 -5.35 9.49 -37.38
C GLN A 42 -6.85 9.26 -37.46
N ARG A 43 -7.63 10.34 -37.43
CA ARG A 43 -9.08 10.23 -37.46
C ARG A 43 -9.68 10.86 -38.72
N ALA A 44 -10.88 10.42 -39.09
CA ALA A 44 -11.57 10.95 -40.27
C ALA A 44 -12.08 12.36 -40.00
N SER A 45 -12.23 12.69 -38.72
CA SER A 45 -12.66 14.02 -38.31
C SER A 45 -12.19 14.19 -36.87
N LYS A 46 -12.49 15.32 -36.25
CA LYS A 46 -12.06 15.54 -34.87
C LYS A 46 -12.80 14.69 -33.84
N LYS A 47 -13.99 14.21 -34.19
CA LYS A 47 -14.79 13.40 -33.27
C LYS A 47 -14.15 12.07 -32.87
N ASP A 48 -14.24 11.73 -31.58
CA ASP A 48 -13.68 10.50 -31.05
C ASP A 48 -14.04 9.22 -31.80
N GLU A 49 -15.31 9.05 -32.14
CA GLU A 49 -15.73 7.83 -32.82
C GLU A 49 -15.32 7.78 -34.29
N HIS A 50 -14.66 8.83 -34.77
CA HIS A 50 -14.20 8.85 -36.15
C HIS A 50 -12.72 8.48 -36.21
N ALA A 51 -12.20 7.98 -35.09
CA ALA A 51 -10.80 7.56 -35.02
C ALA A 51 -10.66 6.38 -35.97
N GLU A 52 -9.47 6.17 -36.51
CA GLU A 52 -9.27 5.07 -37.44
C GLU A 52 -8.02 4.26 -37.13
N LEU A 53 -6.87 4.85 -37.43
CA LEU A 53 -5.60 4.20 -37.23
C LEU A 53 -4.63 5.04 -36.43
N ILE A 54 -3.49 4.44 -36.13
CA ILE A 54 -2.43 5.10 -35.39
C ILE A 54 -1.27 5.39 -36.33
N VAL A 55 -0.80 6.63 -36.33
CA VAL A 55 0.34 7.00 -37.16
C VAL A 55 1.55 7.22 -36.29
N LEU A 56 2.71 7.28 -36.93
CA LEU A 56 3.96 7.44 -36.23
C LEU A 56 5.00 8.21 -37.05
N ARG A 57 5.79 9.03 -36.35
CA ARG A 57 6.89 9.78 -36.96
C ARG A 57 8.10 9.52 -36.08
N ARG A 58 9.21 9.14 -36.69
CA ARG A 58 10.44 8.88 -35.97
C ARG A 58 11.30 10.13 -36.05
N GLY A 59 11.74 10.62 -34.90
CA GLY A 59 12.57 11.82 -34.87
C GLY A 59 13.97 11.49 -34.39
N ASP A 60 14.98 12.12 -34.99
CA ASP A 60 16.37 11.89 -34.61
C ASP A 60 16.98 13.16 -34.02
N TYR A 61 17.53 13.04 -32.81
CA TYR A 61 18.16 14.18 -32.15
C TYR A 61 19.59 14.38 -32.64
N ASP A 62 19.86 15.56 -33.19
CA ASP A 62 21.19 15.92 -33.70
C ASP A 62 21.88 16.75 -32.62
N ALA A 63 22.98 16.24 -32.08
CA ALA A 63 23.71 16.94 -31.01
C ALA A 63 24.30 18.28 -31.42
N PRO A 64 25.00 18.34 -32.58
CA PRO A 64 25.58 19.62 -32.98
C PRO A 64 24.57 20.77 -33.02
N THR A 65 23.38 20.52 -33.55
CA THR A 65 22.36 21.57 -33.64
C THR A 65 21.32 21.53 -32.52
N HIS A 66 21.38 20.52 -31.66
CA HIS A 66 20.40 20.32 -30.59
C HIS A 66 18.98 20.57 -31.12
N GLN A 67 18.66 19.89 -32.22
CA GLN A 67 17.37 19.96 -32.88
C GLN A 67 17.00 18.53 -33.25
N VAL A 68 15.70 18.27 -33.36
CA VAL A 68 15.22 16.95 -33.75
C VAL A 68 14.66 17.05 -35.18
N GLN A 69 15.09 16.16 -36.06
CA GLN A 69 14.58 16.14 -37.42
C GLN A 69 13.66 14.94 -37.53
N TRP A 70 12.43 15.18 -37.97
CA TRP A 70 11.44 14.11 -38.07
C TRP A 70 11.25 13.49 -39.44
N GLN A 71 11.23 12.17 -39.49
CA GLN A 71 11.01 11.45 -40.73
C GLN A 71 9.51 11.54 -41.03
N ALA A 72 9.11 11.19 -42.24
CA ALA A 72 7.72 11.27 -42.65
C ALA A 72 6.79 10.35 -41.85
N GLN A 73 5.56 10.79 -41.66
CA GLN A 73 4.61 9.99 -40.90
C GLN A 73 4.23 8.75 -41.70
N GLU A 74 3.86 7.70 -40.99
CA GLU A 74 3.47 6.47 -41.63
C GLU A 74 2.52 5.77 -40.69
N VAL A 75 1.55 5.06 -41.25
CA VAL A 75 0.57 4.35 -40.45
C VAL A 75 1.21 3.10 -39.83
N VAL A 76 0.82 2.78 -38.61
CA VAL A 76 1.32 1.58 -37.95
C VAL A 76 0.26 0.54 -38.34
N ALA A 77 0.36 0.09 -39.59
CA ALA A 77 -0.58 -0.86 -40.19
C ALA A 77 -1.00 -2.03 -39.32
N GLN A 78 -0.07 -2.61 -38.58
CA GLN A 78 -0.35 -3.76 -37.74
C GLN A 78 -1.16 -3.43 -36.48
N ALA A 79 -1.14 -2.17 -36.07
CA ALA A 79 -1.84 -1.76 -34.86
C ALA A 79 -3.35 -1.60 -35.06
N ARG A 80 -4.03 -2.72 -35.26
CA ARG A 80 -5.48 -2.66 -35.46
C ARG A 80 -6.12 -4.05 -35.52
N LEU A 81 -7.42 -4.08 -35.28
CA LEU A 81 -8.20 -5.32 -35.35
C LEU A 81 -9.21 -5.14 -36.47
N ASP A 82 -9.45 -6.21 -37.21
CA ASP A 82 -10.40 -6.16 -38.32
C ASP A 82 -11.74 -5.63 -37.83
N GLY A 83 -12.27 -4.63 -38.52
CA GLY A 83 -13.55 -4.06 -38.15
C GLY A 83 -13.53 -3.12 -36.96
N HIS A 84 -12.35 -2.90 -36.38
CA HIS A 84 -12.23 -2.02 -35.22
C HIS A 84 -11.39 -0.77 -35.52
N ARG A 85 -11.70 0.31 -34.83
CA ARG A 85 -10.94 1.54 -34.98
C ARG A 85 -9.94 1.51 -33.81
N SER A 86 -8.72 2.00 -34.04
CA SER A 86 -7.70 2.01 -33.00
C SER A 86 -7.58 3.36 -32.31
N MET A 87 -7.43 3.34 -30.99
CA MET A 87 -7.32 4.57 -30.21
C MET A 87 -6.32 4.41 -29.06
N ASN A 88 -5.97 5.54 -28.46
CA ASN A 88 -5.09 5.58 -27.30
C ASN A 88 -3.73 4.90 -27.41
N PRO A 89 -2.83 5.44 -28.24
CA PRO A 89 -1.52 4.78 -28.32
C PRO A 89 -0.77 4.95 -26.99
N CYS A 90 -0.18 3.87 -26.50
CA CYS A 90 0.58 3.87 -25.25
C CYS A 90 1.86 3.07 -25.45
N PRO A 91 2.93 3.73 -25.90
CA PRO A 91 4.23 3.09 -26.14
C PRO A 91 5.04 2.82 -24.89
N LEU A 92 5.87 1.79 -24.96
CA LEU A 92 6.72 1.42 -23.84
C LEU A 92 7.95 0.67 -24.33
N TYR A 93 9.12 1.04 -23.80
CA TYR A 93 10.36 0.37 -24.19
C TYR A 93 10.88 -0.45 -23.01
N ASP A 94 11.01 -1.76 -23.22
CA ASP A 94 11.53 -2.64 -22.19
C ASP A 94 13.05 -2.60 -22.31
N ALA A 95 13.69 -1.82 -21.45
CA ALA A 95 15.15 -1.66 -21.47
C ALA A 95 15.95 -2.95 -21.23
N GLN A 96 15.31 -4.00 -20.72
CA GLN A 96 16.02 -5.24 -20.46
C GLN A 96 16.05 -6.19 -21.65
N THR A 97 14.95 -6.25 -22.40
CA THR A 97 14.87 -7.12 -23.56
C THR A 97 15.03 -6.34 -24.86
N GLY A 98 14.85 -5.03 -24.80
CA GLY A 98 14.97 -4.21 -25.99
C GLY A 98 13.70 -4.19 -26.83
N THR A 99 12.68 -4.90 -26.37
CA THR A 99 11.41 -4.96 -27.09
C THR A 99 10.63 -3.66 -26.92
N LEU A 100 10.02 -3.22 -28.02
CA LEU A 100 9.21 -2.01 -28.02
C LEU A 100 7.74 -2.44 -28.02
N PHE A 101 6.95 -1.88 -27.12
CA PHE A 101 5.52 -2.21 -27.03
C PHE A 101 4.67 -1.02 -27.39
N LEU A 102 3.57 -1.27 -28.10
CA LEU A 102 2.60 -0.23 -28.42
C LEU A 102 1.26 -0.81 -28.02
N PHE A 103 0.75 -0.34 -26.88
CA PHE A 103 -0.54 -0.80 -26.39
C PHE A 103 -1.58 0.17 -26.94
N PHE A 104 -2.80 -0.32 -27.13
CA PHE A 104 -3.87 0.51 -27.64
C PHE A 104 -5.18 -0.23 -27.50
N ILE A 105 -6.28 0.50 -27.65
CA ILE A 105 -7.59 -0.14 -27.57
C ILE A 105 -8.20 -0.13 -28.95
N ALA A 106 -9.09 -1.08 -29.19
CA ALA A 106 -9.77 -1.19 -30.48
C ALA A 106 -11.26 -1.29 -30.19
N ILE A 107 -12.04 -0.44 -30.85
CA ILE A 107 -13.50 -0.40 -30.67
C ILE A 107 -14.19 -0.67 -32.02
N PRO A 108 -15.22 -1.54 -32.02
CA PRO A 108 -15.97 -1.87 -33.24
C PRO A 108 -16.51 -0.65 -33.99
N GLY A 109 -16.26 -0.62 -35.30
CA GLY A 109 -16.73 0.48 -36.13
C GLY A 109 -16.75 1.85 -35.47
N GLN A 110 -17.95 2.41 -35.34
CA GLN A 110 -18.10 3.72 -34.73
C GLN A 110 -18.90 3.73 -33.43
N VAL A 111 -18.94 2.58 -32.76
CA VAL A 111 -19.64 2.49 -31.48
C VAL A 111 -18.96 3.49 -30.55
N THR A 112 -19.72 4.44 -30.03
CA THR A 112 -19.16 5.47 -29.15
C THR A 112 -18.98 5.00 -27.71
N GLN A 113 -18.22 5.77 -26.97
CA GLN A 113 -17.97 5.48 -25.56
C GLN A 113 -19.29 5.67 -24.81
N GLU A 114 -20.08 6.62 -25.28
CA GLU A 114 -21.38 6.93 -24.67
C GLU A 114 -22.35 5.76 -24.82
N GLN A 115 -22.34 5.11 -25.98
CA GLN A 115 -23.22 3.96 -26.21
C GLN A 115 -22.89 2.86 -25.21
N GLN A 116 -21.60 2.65 -24.97
CA GLN A 116 -21.17 1.63 -24.03
C GLN A 116 -21.53 1.99 -22.60
N LEU A 117 -21.43 3.27 -22.25
CA LEU A 117 -21.77 3.72 -20.91
C LEU A 117 -23.27 3.61 -20.64
N GLN A 118 -24.08 4.11 -21.56
CA GLN A 118 -25.53 4.08 -21.42
C GLN A 118 -26.07 2.65 -21.34
N THR A 119 -25.49 1.75 -22.13
CA THR A 119 -25.93 0.36 -22.14
C THR A 119 -25.13 -0.50 -21.18
N ARG A 120 -24.18 0.13 -20.48
CA ARG A 120 -23.34 -0.59 -19.53
C ARG A 120 -22.84 -1.88 -20.17
N ALA A 121 -22.52 -1.82 -21.45
CA ALA A 121 -22.03 -2.96 -22.22
C ALA A 121 -20.67 -2.64 -22.85
N ASN A 122 -19.65 -3.34 -22.37
CA ASN A 122 -18.28 -3.15 -22.83
C ASN A 122 -18.00 -3.89 -24.13
N VAL A 123 -17.46 -3.20 -25.14
CA VAL A 123 -17.12 -3.83 -26.41
C VAL A 123 -15.72 -3.38 -26.81
N THR A 124 -15.00 -2.79 -25.86
CA THR A 124 -13.65 -2.30 -26.10
C THR A 124 -12.63 -3.42 -25.89
N ARG A 125 -11.61 -3.45 -26.75
CA ARG A 125 -10.56 -4.46 -26.68
C ARG A 125 -9.18 -3.88 -26.37
N LEU A 126 -8.40 -4.61 -25.58
CA LEU A 126 -7.04 -4.18 -25.24
C LEU A 126 -6.09 -4.95 -26.14
N CYS A 127 -5.26 -4.22 -26.89
CA CYS A 127 -4.33 -4.87 -27.81
C CYS A 127 -2.92 -4.33 -27.69
N GLN A 128 -2.02 -4.98 -28.42
CA GLN A 128 -0.63 -4.57 -28.46
C GLN A 128 0.05 -5.12 -29.70
N VAL A 129 1.11 -4.43 -30.11
CA VAL A 129 1.95 -4.84 -31.23
C VAL A 129 3.33 -4.58 -30.64
N THR A 130 4.31 -5.39 -31.02
CA THR A 130 5.65 -5.23 -30.50
C THR A 130 6.65 -5.12 -31.63
N SER A 131 7.83 -4.61 -31.31
CA SER A 131 8.88 -4.46 -32.30
C SER A 131 10.24 -4.75 -31.70
N THR A 132 11.06 -5.45 -32.47
CA THR A 132 12.42 -5.79 -32.03
C THR A 132 13.44 -4.94 -32.79
N ASP A 133 12.97 -4.09 -33.70
CA ASP A 133 13.87 -3.22 -34.46
C ASP A 133 13.57 -1.75 -34.19
N HIS A 134 13.15 -1.48 -32.96
CA HIS A 134 12.86 -0.12 -32.50
C HIS A 134 11.73 0.64 -33.17
N GLY A 135 10.64 -0.05 -33.51
CA GLY A 135 9.52 0.63 -34.12
C GLY A 135 9.51 0.71 -35.63
N ARG A 136 10.53 0.18 -36.29
CA ARG A 136 10.56 0.22 -37.75
C ARG A 136 9.50 -0.73 -38.31
N THR A 137 9.43 -1.93 -37.75
CA THR A 137 8.43 -2.92 -38.17
C THR A 137 7.76 -3.47 -36.91
N TRP A 138 6.49 -3.81 -37.01
CA TRP A 138 5.74 -4.32 -35.87
C TRP A 138 5.12 -5.69 -36.11
N SER A 139 4.96 -6.45 -35.04
CA SER A 139 4.39 -7.78 -35.10
C SER A 139 2.89 -7.70 -35.41
N SER A 140 2.25 -8.85 -35.50
CA SER A 140 0.81 -8.88 -35.74
C SER A 140 0.20 -8.48 -34.40
N PRO A 141 -1.01 -7.90 -34.42
CA PRO A 141 -1.62 -7.50 -33.15
C PRO A 141 -2.00 -8.70 -32.29
N ARG A 142 -1.95 -8.49 -30.98
CA ARG A 142 -2.30 -9.52 -30.02
C ARG A 142 -3.38 -8.92 -29.13
N ASP A 143 -4.54 -9.57 -29.07
CA ASP A 143 -5.64 -9.09 -28.25
C ASP A 143 -5.39 -9.57 -26.82
N LEU A 144 -5.12 -8.64 -25.92
CA LEU A 144 -4.82 -8.98 -24.53
C LEU A 144 -6.06 -9.06 -23.64
N THR A 145 -7.21 -8.71 -24.19
CA THR A 145 -8.45 -8.70 -23.43
C THR A 145 -8.67 -9.91 -22.53
N ASP A 146 -8.77 -11.10 -23.12
CA ASP A 146 -8.99 -12.32 -22.35
C ASP A 146 -8.00 -12.52 -21.20
N ALA A 147 -6.71 -12.46 -21.52
CA ALA A 147 -5.67 -12.67 -20.53
C ALA A 147 -5.52 -11.54 -19.50
N ALA A 148 -5.52 -10.30 -19.97
CA ALA A 148 -5.34 -9.16 -19.08
C ALA A 148 -6.59 -8.71 -18.32
N ILE A 149 -7.76 -8.79 -18.95
CA ILE A 149 -8.98 -8.33 -18.27
C ILE A 149 -9.84 -9.49 -17.79
N GLY A 150 -10.07 -10.47 -18.68
CA GLY A 150 -10.87 -11.63 -18.32
C GLY A 150 -12.15 -11.39 -17.53
N PRO A 151 -12.26 -11.99 -16.33
CA PRO A 151 -13.41 -11.91 -15.41
C PRO A 151 -13.91 -10.49 -15.12
N ALA A 152 -13.00 -9.51 -15.17
CA ALA A 152 -13.38 -8.14 -14.88
C ALA A 152 -14.05 -7.45 -16.06
N TYR A 153 -13.98 -8.07 -17.24
CA TYR A 153 -14.56 -7.45 -18.43
C TYR A 153 -16.02 -7.03 -18.26
N ARG A 154 -16.82 -7.93 -17.68
CA ARG A 154 -18.24 -7.67 -17.47
C ARG A 154 -18.46 -6.65 -16.35
N GLU A 155 -17.41 -6.38 -15.57
CA GLU A 155 -17.48 -5.43 -14.47
C GLU A 155 -17.30 -3.97 -14.90
N TRP A 156 -16.91 -3.76 -16.16
CA TRP A 156 -16.69 -2.41 -16.68
C TRP A 156 -17.58 -2.06 -17.86
N SER A 157 -18.07 -0.82 -17.88
CA SER A 157 -18.89 -0.35 -18.99
C SER A 157 -17.99 -0.13 -20.20
N THR A 158 -16.77 0.32 -19.93
CA THR A 158 -15.77 0.57 -20.96
C THR A 158 -14.45 0.89 -20.25
N PHE A 159 -13.38 1.06 -21.02
CA PHE A 159 -12.08 1.34 -20.42
C PHE A 159 -11.12 1.82 -21.50
N ALA A 160 -9.93 2.22 -21.08
CA ALA A 160 -8.89 2.69 -22.00
C ALA A 160 -7.54 2.67 -21.29
N VAL A 161 -6.47 2.73 -22.07
CA VAL A 161 -5.12 2.77 -21.52
C VAL A 161 -4.52 4.09 -21.92
N GLY A 162 -3.65 4.63 -21.07
CA GLY A 162 -3.01 5.90 -21.37
C GLY A 162 -4.04 7.02 -21.52
N PRO A 163 -3.93 7.83 -22.57
CA PRO A 163 -2.91 7.72 -23.61
C PRO A 163 -1.54 8.21 -23.13
N GLY A 164 -0.50 7.91 -23.90
CA GLY A 164 0.83 8.35 -23.54
C GLY A 164 1.77 7.21 -23.16
N HIS A 165 3.03 7.56 -22.95
CA HIS A 165 4.05 6.60 -22.58
C HIS A 165 3.71 5.85 -21.29
N CYS A 166 4.22 4.63 -21.20
CA CYS A 166 4.01 3.77 -20.02
C CYS A 166 5.25 3.82 -19.13
N LEU A 167 5.41 2.82 -18.28
CA LEU A 167 6.53 2.80 -17.34
C LEU A 167 7.12 1.42 -17.10
N GLN A 168 8.43 1.36 -16.88
CA GLN A 168 9.10 0.12 -16.55
C GLN A 168 9.76 0.38 -15.21
N LEU A 169 9.45 -0.43 -14.21
CA LEU A 169 10.00 -0.25 -12.87
C LEU A 169 11.41 -0.78 -12.73
N ASN A 170 12.13 -0.24 -11.75
CA ASN A 170 13.49 -0.68 -11.47
C ASN A 170 13.42 -1.68 -10.33
N ASP A 171 12.36 -2.48 -10.33
CA ASP A 171 12.19 -3.50 -9.30
C ASP A 171 12.95 -4.74 -9.75
N ARG A 172 12.86 -5.81 -8.96
CA ARG A 172 13.55 -7.05 -9.28
C ARG A 172 13.23 -7.54 -10.70
N ALA A 173 11.95 -7.71 -10.99
CA ALA A 173 11.51 -8.22 -12.28
C ALA A 173 11.46 -7.21 -13.42
N ARG A 174 11.77 -5.94 -13.13
CA ARG A 174 11.72 -4.90 -14.16
C ARG A 174 10.33 -4.91 -14.78
N SER A 175 9.33 -4.86 -13.91
CA SER A 175 7.92 -4.89 -14.31
C SER A 175 7.48 -3.81 -15.28
N LEU A 176 6.55 -4.16 -16.15
CA LEU A 176 5.99 -3.22 -17.11
C LEU A 176 4.70 -2.71 -16.48
N VAL A 177 4.50 -1.40 -16.55
CA VAL A 177 3.32 -0.78 -15.96
C VAL A 177 2.60 0.07 -17.01
N VAL A 178 1.34 -0.24 -17.23
CA VAL A 178 0.53 0.47 -18.22
C VAL A 178 -0.63 1.17 -17.52
N PRO A 179 -0.57 2.51 -17.45
CA PRO A 179 -1.62 3.30 -16.80
C PRO A 179 -2.94 3.17 -17.56
N ALA A 180 -4.06 3.18 -16.83
CA ALA A 180 -5.36 3.03 -17.46
C ALA A 180 -6.50 3.47 -16.55
N TYR A 181 -7.73 3.33 -17.04
CA TYR A 181 -8.91 3.67 -16.25
C TYR A 181 -10.11 2.88 -16.77
N ALA A 182 -11.08 2.65 -15.90
CA ALA A 182 -12.26 1.90 -16.30
C ALA A 182 -13.50 2.41 -15.61
N TYR A 183 -14.61 2.40 -16.33
CA TYR A 183 -15.90 2.81 -15.78
C TYR A 183 -16.44 1.55 -15.13
N ARG A 184 -16.46 1.51 -13.80
CA ARG A 184 -16.92 0.32 -13.10
C ARG A 184 -18.39 0.34 -12.68
N LYS A 185 -19.05 -0.79 -12.92
CA LYS A 185 -20.46 -0.97 -12.58
C LYS A 185 -20.52 -1.28 -11.09
N LEU A 186 -20.72 -0.25 -10.27
CA LEU A 186 -20.77 -0.43 -8.83
C LEU A 186 -22.16 -0.42 -8.22
N HIS A 187 -23.06 0.37 -8.79
CA HIS A 187 -24.43 0.49 -8.29
C HIS A 187 -25.46 0.05 -9.32
N PRO A 188 -26.56 -0.56 -8.88
CA PRO A 188 -27.61 -1.03 -9.80
C PRO A 188 -28.32 0.11 -10.51
N ILE A 189 -28.34 1.29 -9.89
CA ILE A 189 -29.00 2.45 -10.44
C ILE A 189 -28.05 3.56 -10.83
N GLN A 190 -27.14 3.91 -9.93
CA GLN A 190 -26.16 4.97 -10.15
C GLN A 190 -25.30 4.71 -11.38
N ARG A 191 -24.92 5.78 -12.07
CA ARG A 191 -24.09 5.66 -13.25
C ARG A 191 -22.70 5.14 -12.87
N PRO A 192 -22.16 4.19 -13.64
CA PRO A 192 -20.84 3.63 -13.34
C PRO A 192 -19.78 4.74 -13.27
N ILE A 193 -18.93 4.67 -12.24
CA ILE A 193 -17.88 5.66 -12.02
C ILE A 193 -16.51 5.17 -12.48
N PRO A 194 -15.77 6.01 -13.21
CA PRO A 194 -14.44 5.63 -13.69
C PRO A 194 -13.37 5.80 -12.62
N SER A 195 -12.37 4.92 -12.66
CA SER A 195 -11.26 5.00 -11.72
C SER A 195 -10.01 4.59 -12.48
N ALA A 196 -8.89 5.19 -12.12
CA ALA A 196 -7.62 4.88 -12.75
C ALA A 196 -7.02 3.64 -12.09
N PHE A 197 -6.13 2.97 -12.81
CA PHE A 197 -5.44 1.78 -12.31
C PHE A 197 -4.34 1.44 -13.30
N CYS A 198 -3.58 0.40 -13.01
CA CYS A 198 -2.50 -0.01 -13.89
C CYS A 198 -2.55 -1.48 -14.23
N PHE A 199 -2.21 -1.80 -15.47
CA PHE A 199 -2.10 -3.19 -15.87
C PHE A 199 -0.63 -3.47 -15.51
N LEU A 200 -0.35 -4.66 -15.01
CA LEU A 200 1.02 -5.00 -14.62
C LEU A 200 1.52 -6.29 -15.25
N SER A 201 2.83 -6.33 -15.50
CA SER A 201 3.47 -7.50 -16.07
C SER A 201 4.82 -7.63 -15.39
N HIS A 202 5.09 -8.81 -14.85
CA HIS A 202 6.36 -9.07 -14.17
C HIS A 202 7.22 -9.99 -15.02
N ASP A 203 6.72 -10.38 -16.19
CA ASP A 203 7.47 -11.25 -17.07
C ASP A 203 7.65 -10.64 -18.46
N HIS A 204 8.00 -9.35 -18.48
CA HIS A 204 8.25 -8.65 -19.73
C HIS A 204 7.16 -8.75 -20.80
N GLY A 205 5.90 -8.65 -20.38
CA GLY A 205 4.80 -8.69 -21.33
C GLY A 205 4.21 -10.03 -21.72
N ARG A 206 4.72 -11.11 -21.14
CA ARG A 206 4.19 -12.43 -21.47
C ARG A 206 2.80 -12.58 -20.89
N THR A 207 2.65 -12.26 -19.61
CA THR A 207 1.37 -12.35 -18.93
C THR A 207 1.03 -11.03 -18.26
N TRP A 208 -0.26 -10.76 -18.07
CA TRP A 208 -0.70 -9.52 -17.45
C TRP A 208 -1.68 -9.71 -16.30
N ALA A 209 -1.72 -8.71 -15.42
CA ALA A 209 -2.60 -8.71 -14.27
C ALA A 209 -3.12 -7.29 -14.08
N ARG A 210 -4.18 -7.13 -13.31
CA ARG A 210 -4.73 -5.80 -13.07
C ARG A 210 -4.41 -5.32 -11.67
N GLY A 211 -3.86 -4.11 -11.59
CA GLY A 211 -3.57 -3.53 -10.30
C GLY A 211 -4.91 -3.04 -9.78
N HIS A 212 -4.98 -2.67 -8.50
CA HIS A 212 -6.24 -2.20 -7.95
C HIS A 212 -6.51 -0.74 -8.25
N PHE A 213 -7.77 -0.35 -8.15
CA PHE A 213 -8.21 1.00 -8.46
C PHE A 213 -7.85 2.08 -7.46
N VAL A 214 -7.59 3.27 -7.98
CA VAL A 214 -7.32 4.43 -7.15
C VAL A 214 -8.72 4.72 -6.59
N ALA A 215 -8.83 4.83 -5.26
CA ALA A 215 -10.13 5.08 -4.63
C ALA A 215 -10.64 6.48 -4.92
N GLN A 216 -10.69 6.84 -6.20
CA GLN A 216 -11.15 8.17 -6.60
C GLN A 216 -11.83 8.11 -7.97
N ASP A 217 -12.69 9.08 -8.24
CA ASP A 217 -13.38 9.17 -9.53
C ASP A 217 -12.37 9.80 -10.49
N THR A 218 -11.65 8.95 -11.22
CA THR A 218 -10.61 9.44 -12.11
C THR A 218 -10.62 8.83 -13.52
N LEU A 219 -10.11 9.61 -14.46
CA LEU A 219 -10.05 9.20 -15.86
C LEU A 219 -8.60 8.95 -16.29
N GLU A 220 -8.21 9.43 -17.47
CA GLU A 220 -6.86 9.22 -17.99
C GLU A 220 -5.76 9.58 -17.00
N CYS A 221 -4.75 8.73 -16.91
CA CYS A 221 -3.65 8.96 -15.99
C CYS A 221 -2.33 8.47 -16.54
N GLN A 222 -1.25 8.86 -15.88
CA GLN A 222 0.09 8.45 -16.24
C GLN A 222 0.85 8.21 -14.94
N VAL A 223 1.85 7.33 -14.99
CA VAL A 223 2.63 7.00 -13.81
C VAL A 223 4.11 7.26 -14.00
N ALA A 224 4.80 7.43 -12.88
CA ALA A 224 6.25 7.65 -12.88
C ALA A 224 6.76 7.04 -11.59
N GLU A 225 8.05 6.72 -11.56
CA GLU A 225 8.64 6.13 -10.36
C GLU A 225 9.70 7.04 -9.77
N VAL A 226 9.70 7.16 -8.44
CA VAL A 226 10.67 7.99 -7.73
C VAL A 226 11.25 7.19 -6.55
N GLU A 227 12.55 7.33 -6.34
CA GLU A 227 13.22 6.64 -5.24
C GLU A 227 13.67 7.66 -4.21
N GLN A 231 10.69 3.64 -0.01
CA GLN A 231 11.85 3.80 -0.88
C GLN A 231 11.42 4.09 -2.32
N ARG A 232 11.05 3.04 -3.04
CA ARG A 232 10.62 3.17 -4.42
C ARG A 232 9.11 3.43 -4.46
N VAL A 233 8.73 4.57 -5.05
CA VAL A 233 7.32 4.95 -5.12
C VAL A 233 6.80 5.18 -6.53
N VAL A 234 5.58 4.71 -6.79
CA VAL A 234 4.95 4.91 -8.08
C VAL A 234 3.92 6.00 -7.89
N THR A 235 4.14 7.15 -8.52
CA THR A 235 3.20 8.26 -8.41
C THR A 235 2.31 8.26 -9.63
N LEU A 236 1.00 8.34 -9.39
CA LEU A 236 0.01 8.34 -10.45
C LEU A 236 -0.65 9.71 -10.47
N ASN A 237 -0.73 10.30 -11.66
CA ASN A 237 -1.35 11.60 -11.83
C ASN A 237 -2.52 11.44 -12.78
N ALA A 238 -3.73 11.70 -12.30
CA ALA A 238 -4.91 11.51 -13.13
C ALA A 238 -5.88 12.69 -13.33
N ARG A 239 -6.58 12.61 -14.46
CA ARG A 239 -7.58 13.57 -14.88
C ARG A 239 -8.84 13.34 -14.03
N SER A 240 -9.53 14.41 -13.68
CA SER A 240 -10.76 14.30 -12.89
C SER A 240 -11.66 15.50 -13.18
N HIS A 241 -12.94 15.36 -12.82
CA HIS A 241 -13.90 16.44 -13.06
C HIS A 241 -14.01 17.39 -11.87
N LEU A 242 -13.12 17.24 -10.90
CA LEU A 242 -13.16 18.10 -9.71
C LEU A 242 -12.36 19.39 -9.79
N ARG A 243 -12.08 19.85 -11.01
CA ARG A 243 -11.34 21.09 -11.21
C ARG A 243 -9.90 21.05 -10.71
N ALA A 244 -9.42 19.85 -10.40
CA ALA A 244 -8.06 19.67 -9.94
C ALA A 244 -7.62 18.25 -10.23
N ARG A 245 -6.32 18.04 -10.35
CA ARG A 245 -5.79 16.72 -10.63
C ARG A 245 -5.80 15.83 -9.39
N VAL A 246 -5.92 14.52 -9.62
CA VAL A 246 -5.87 13.55 -8.54
C VAL A 246 -4.48 12.92 -8.62
N GLN A 247 -3.81 12.84 -7.49
CA GLN A 247 -2.48 12.25 -7.44
C GLN A 247 -2.52 11.13 -6.41
N ALA A 248 -1.97 9.97 -6.76
CA ALA A 248 -1.97 8.84 -5.83
C ALA A 248 -0.59 8.20 -5.82
N GLN A 249 -0.23 7.63 -4.68
CA GLN A 249 1.06 6.98 -4.55
C GLN A 249 0.92 5.50 -4.20
N SER A 250 1.81 4.70 -4.77
CA SER A 250 1.83 3.27 -4.51
C SER A 250 3.21 2.89 -4.01
N THR A 251 3.25 2.22 -2.86
CA THR A 251 4.52 1.77 -2.31
C THR A 251 4.65 0.27 -2.51
N ASN A 252 3.79 -0.30 -3.34
CA ASN A 252 3.86 -1.71 -3.62
C ASN A 252 3.86 -1.99 -5.12
N ASP A 253 4.62 -1.15 -5.82
CA ASP A 253 4.82 -1.26 -7.26
C ASP A 253 3.60 -1.22 -8.19
N GLY A 254 2.62 -0.38 -7.87
CA GLY A 254 1.45 -0.26 -8.73
C GLY A 254 0.26 -1.16 -8.47
N LEU A 255 0.43 -2.17 -7.63
CA LEU A 255 -0.68 -3.07 -7.33
C LEU A 255 -1.77 -2.32 -6.58
N ASP A 256 -1.38 -1.50 -5.61
CA ASP A 256 -2.32 -0.73 -4.82
C ASP A 256 -1.82 0.69 -4.61
N PHE A 257 -2.75 1.64 -4.55
CA PHE A 257 -2.40 3.03 -4.30
C PHE A 257 -2.93 3.36 -2.91
N GLN A 258 -2.07 3.23 -1.92
CA GLN A 258 -2.42 3.46 -0.52
C GLN A 258 -2.81 4.90 -0.16
N GLU A 259 -2.44 5.84 -1.01
CA GLU A 259 -2.77 7.25 -0.74
C GLU A 259 -3.13 7.97 -2.03
N SER A 260 -4.04 8.94 -1.94
CA SER A 260 -4.46 9.72 -3.10
C SER A 260 -5.17 10.98 -2.64
N GLN A 261 -5.12 12.03 -3.46
CA GLN A 261 -5.77 13.29 -3.14
C GLN A 261 -5.83 14.26 -4.32
N LEU A 262 -6.57 15.33 -4.12
CA LEU A 262 -6.70 16.37 -5.14
C LEU A 262 -5.58 17.37 -4.92
N VAL A 263 -4.94 17.76 -6.00
CA VAL A 263 -3.86 18.73 -5.92
C VAL A 263 -4.44 20.01 -6.52
N LYS A 264 -5.07 20.81 -5.66
CA LYS A 264 -5.71 22.05 -6.09
C LYS A 264 -4.81 22.98 -6.89
N LYS A 265 -3.51 22.91 -6.64
CA LYS A 265 -2.56 23.75 -7.36
C LYS A 265 -2.48 23.37 -8.84
N LEU A 266 -2.89 22.15 -9.16
CA LEU A 266 -2.86 21.67 -10.55
C LEU A 266 -4.29 21.70 -11.09
N VAL A 267 -4.67 22.83 -11.69
CA VAL A 267 -6.03 23.00 -12.19
C VAL A 267 -6.46 22.11 -13.35
N GLU A 268 -7.77 21.87 -13.40
CA GLU A 268 -8.42 21.08 -14.44
C GLU A 268 -9.61 21.92 -14.89
N PRO A 269 -9.78 22.12 -16.20
CA PRO A 269 -10.89 22.92 -16.70
C PRO A 269 -12.21 22.15 -16.67
N PRO A 270 -13.34 22.86 -16.77
CA PRO A 270 -14.64 22.19 -16.77
C PRO A 270 -14.89 21.63 -18.17
N PRO A 271 -15.82 20.67 -18.29
CA PRO A 271 -16.61 20.11 -17.21
C PRO A 271 -16.04 18.79 -16.70
N GLN A 272 -15.10 18.21 -17.43
CA GLN A 272 -14.53 16.93 -17.04
C GLN A 272 -13.00 16.89 -17.13
N GLY A 273 -12.37 18.04 -17.04
CA GLY A 273 -10.91 18.08 -17.10
C GLY A 273 -10.31 17.76 -18.45
N CYS A 274 -9.00 17.57 -18.47
CA CYS A 274 -8.26 17.26 -19.69
C CYS A 274 -7.07 16.38 -19.33
N GLN A 275 -6.62 15.56 -20.28
CA GLN A 275 -5.47 14.69 -20.02
C GLN A 275 -4.19 15.49 -19.82
N GLY A 276 -3.29 14.95 -19.00
CA GLY A 276 -2.02 15.61 -18.72
C GLY A 276 -0.92 14.58 -18.65
N SER A 277 0.33 15.02 -18.61
CA SER A 277 1.46 14.10 -18.60
C SER A 277 2.45 14.31 -17.46
N VAL A 278 3.06 13.23 -16.98
CA VAL A 278 4.03 13.35 -15.90
C VAL A 278 5.19 12.39 -16.11
N ILE A 279 6.38 12.83 -15.74
CA ILE A 279 7.58 12.02 -15.86
C ILE A 279 8.52 12.34 -14.71
N SER A 280 9.45 11.43 -14.45
CA SER A 280 10.46 11.63 -13.42
C SER A 280 11.77 11.81 -14.17
N PHE A 281 12.75 12.45 -13.53
CA PHE A 281 14.04 12.65 -14.16
C PHE A 281 15.08 12.90 -13.07
N PRO A 282 16.35 12.55 -13.34
CA PRO A 282 17.45 12.73 -12.37
C PRO A 282 17.52 14.13 -11.77
N SER A 283 17.50 14.21 -10.44
CA SER A 283 17.58 15.50 -9.78
C SER A 283 18.92 16.15 -10.04
N PRO A 284 18.94 17.48 -10.24
CA PRO A 284 20.16 18.24 -10.50
C PRO A 284 21.06 18.27 -9.27
N ARG A 285 20.48 17.94 -8.11
CA ARG A 285 21.22 17.93 -6.86
C ARG A 285 21.41 16.49 -6.39
N SER A 290 18.06 16.58 -2.24
CA SER A 290 18.25 15.34 -1.51
C SER A 290 17.65 14.15 -2.25
N PRO A 291 16.39 14.25 -2.72
CA PRO A 291 15.75 13.16 -3.46
C PRO A 291 16.47 12.85 -4.78
N ALA A 292 16.42 11.58 -5.19
CA ALA A 292 17.10 11.14 -6.40
C ALA A 292 16.48 11.64 -7.70
N GLN A 293 15.15 11.67 -7.76
CA GLN A 293 14.45 12.14 -8.95
C GLN A 293 13.46 13.25 -8.65
N TRP A 294 13.19 14.06 -9.67
CA TRP A 294 12.22 15.15 -9.56
C TRP A 294 11.15 14.81 -10.59
N LEU A 295 10.02 15.53 -10.55
CA LEU A 295 8.95 15.29 -11.50
C LEU A 295 8.65 16.53 -12.34
N LEU A 296 8.25 16.30 -13.59
CA LEU A 296 7.87 17.35 -14.52
C LEU A 296 6.46 16.97 -14.97
N TYR A 297 5.57 17.95 -15.06
CA TYR A 297 4.18 17.72 -15.44
C TYR A 297 3.71 18.83 -16.39
N THR A 298 3.03 18.45 -17.47
CA THR A 298 2.52 19.42 -18.44
C THR A 298 1.02 19.24 -18.55
N HIS A 299 0.31 20.35 -18.71
CA HIS A 299 -1.15 20.31 -18.77
C HIS A 299 -1.64 21.74 -18.98
N PRO A 300 -2.86 21.90 -19.55
CA PRO A 300 -3.41 23.24 -19.78
C PRO A 300 -3.52 23.93 -18.41
N THR A 301 -3.35 25.24 -18.38
CA THR A 301 -3.42 25.96 -17.11
C THR A 301 -4.63 26.88 -16.98
N HIS A 302 -5.47 26.92 -18.01
CA HIS A 302 -6.65 27.77 -18.01
C HIS A 302 -7.71 27.09 -17.16
N SER A 303 -8.48 27.87 -16.40
CA SER A 303 -9.50 27.25 -15.56
C SER A 303 -10.89 27.18 -16.19
N TRP A 304 -11.05 27.74 -17.39
CA TRP A 304 -12.37 27.73 -18.03
C TRP A 304 -12.40 26.93 -19.34
N GLN A 305 -11.23 26.72 -19.93
CA GLN A 305 -11.17 25.98 -21.17
C GLN A 305 -9.81 25.29 -21.27
N ARG A 306 -9.58 24.60 -22.38
CA ARG A 306 -8.32 23.92 -22.58
C ARG A 306 -7.35 24.88 -23.29
N ALA A 307 -6.48 25.52 -22.51
CA ALA A 307 -5.53 26.45 -23.11
C ALA A 307 -4.34 26.74 -22.22
N ASP A 308 -3.31 27.34 -22.82
CA ASP A 308 -2.09 27.72 -22.12
C ASP A 308 -1.40 26.53 -21.47
N LEU A 309 -0.77 25.72 -22.30
CA LEU A 309 -0.05 24.55 -21.80
C LEU A 309 1.04 25.04 -20.85
N GLY A 310 1.12 24.43 -19.67
CA GLY A 310 2.14 24.82 -18.71
C GLY A 310 2.94 23.64 -18.22
N ALA A 311 4.15 23.90 -17.71
CA ALA A 311 5.00 22.87 -17.17
C ALA A 311 5.17 23.15 -15.67
N TYR A 312 4.98 22.13 -14.84
CA TYR A 312 5.11 22.27 -13.40
C TYR A 312 6.25 21.39 -12.92
N LEU A 313 6.90 21.80 -11.84
CA LEU A 313 8.03 21.05 -11.29
C LEU A 313 7.79 20.63 -9.85
N ASN A 314 8.19 19.40 -9.53
CA ASN A 314 8.08 18.91 -8.15
C ASN A 314 9.47 18.42 -7.76
N PRO A 315 10.20 19.25 -6.99
CA PRO A 315 11.56 18.96 -6.52
C PRO A 315 11.63 18.07 -5.29
N ARG A 316 10.46 17.71 -4.75
CA ARG A 316 10.39 16.86 -3.56
C ARG A 316 9.25 15.87 -3.73
N PRO A 317 9.25 15.11 -4.84
CA PRO A 317 8.20 14.13 -5.10
C PRO A 317 8.13 13.02 -4.05
N PRO A 318 6.92 12.50 -3.80
CA PRO A 318 5.67 12.89 -4.44
C PRO A 318 4.88 13.99 -3.72
N ALA A 319 5.48 14.60 -2.71
CA ALA A 319 4.82 15.66 -1.94
C ALA A 319 3.93 16.59 -2.79
N PRO A 320 2.61 16.43 -2.67
CA PRO A 320 1.61 17.22 -3.39
C PRO A 320 1.79 18.73 -3.27
N GLU A 321 2.20 19.17 -2.09
CA GLU A 321 2.38 20.60 -1.83
C GLU A 321 3.68 21.15 -2.40
N ALA A 322 4.53 20.27 -2.93
CA ALA A 322 5.81 20.69 -3.49
C ALA A 322 5.73 21.08 -4.97
N TRP A 323 4.54 20.96 -5.56
CA TRP A 323 4.37 21.33 -6.97
C TRP A 323 4.54 22.83 -7.13
N SER A 324 5.38 23.22 -8.08
CA SER A 324 5.66 24.63 -8.33
C SER A 324 4.52 25.32 -9.08
N GLU A 325 4.68 26.62 -9.29
CA GLU A 325 3.70 27.36 -10.06
C GLU A 325 4.11 27.01 -11.49
N PRO A 326 3.15 26.98 -12.42
CA PRO A 326 3.50 26.64 -13.80
C PRO A 326 4.28 27.68 -14.59
N VAL A 327 4.94 27.20 -15.64
CA VAL A 327 5.68 28.03 -16.57
C VAL A 327 4.92 27.88 -17.89
N LEU A 328 4.63 29.00 -18.54
CA LEU A 328 3.87 29.00 -19.79
C LEU A 328 4.68 28.44 -20.96
N LEU A 329 4.26 27.29 -21.46
CA LEU A 329 4.93 26.63 -22.59
C LEU A 329 4.35 27.04 -23.93
N ALA A 330 3.02 27.15 -23.96
CA ALA A 330 2.31 27.52 -25.18
C ALA A 330 1.09 28.36 -24.88
N LYS A 331 0.87 29.41 -25.66
CA LYS A 331 -0.28 30.27 -25.46
C LYS A 331 -1.43 29.79 -26.31
N GLY A 332 -2.66 30.07 -25.86
CA GLY A 332 -3.83 29.68 -26.61
C GLY A 332 -4.28 28.24 -26.45
N SER A 333 -5.20 27.84 -27.33
CA SER A 333 -5.78 26.51 -27.36
C SER A 333 -4.71 25.41 -27.27
N CYS A 334 -4.77 24.61 -26.21
CA CYS A 334 -3.86 23.51 -25.95
C CYS A 334 -4.66 22.41 -25.24
N ALA A 335 -4.38 21.14 -25.55
CA ALA A 335 -5.11 20.06 -24.89
C ALA A 335 -4.18 18.95 -24.42
N TYR A 336 -4.34 17.73 -24.97
CA TYR A 336 -3.51 16.59 -24.57
C TYR A 336 -2.03 16.79 -24.84
N SER A 337 -1.21 16.18 -23.98
CA SER A 337 0.25 16.26 -24.12
C SER A 337 0.91 14.97 -23.58
N ASP A 338 2.18 14.77 -23.93
CA ASP A 338 2.94 13.62 -23.44
C ASP A 338 4.40 14.05 -23.34
N LEU A 339 5.00 13.74 -22.20
CA LEU A 339 6.39 14.11 -21.92
C LEU A 339 7.36 12.95 -21.96
N GLN A 340 8.63 13.27 -22.20
CA GLN A 340 9.71 12.30 -22.21
C GLN A 340 11.00 12.97 -21.76
N SER A 341 11.74 12.28 -20.90
CA SER A 341 13.03 12.75 -20.42
C SER A 341 14.01 12.32 -21.49
N MET A 342 14.84 13.23 -21.97
CA MET A 342 15.76 12.90 -23.03
C MET A 342 17.24 12.90 -22.61
N GLY A 343 17.50 13.00 -21.31
CA GLY A 343 18.87 12.99 -20.85
C GLY A 343 19.42 14.39 -20.61
N THR A 344 20.69 14.59 -20.94
CA THR A 344 21.35 15.88 -20.74
C THR A 344 21.23 16.81 -21.93
N GLY A 345 20.80 18.04 -21.68
CA GLY A 345 20.66 19.00 -22.76
C GLY A 345 21.95 19.71 -23.12
N PRO A 346 21.93 20.61 -24.11
CA PRO A 346 23.12 21.35 -24.54
C PRO A 346 23.64 22.31 -23.46
N ASP A 347 22.77 22.66 -22.51
CA ASP A 347 23.19 23.58 -21.45
C ASP A 347 23.56 22.84 -20.16
N GLY A 348 23.81 21.54 -20.28
CA GLY A 348 24.18 20.73 -19.13
C GLY A 348 23.05 20.32 -18.20
N SER A 349 21.84 20.79 -18.47
CA SER A 349 20.68 20.44 -17.64
C SER A 349 19.77 19.42 -18.33
N PRO A 350 18.89 18.75 -17.56
CA PRO A 350 17.98 17.75 -18.14
C PRO A 350 17.21 18.25 -19.36
N LEU A 351 17.17 17.41 -20.39
CA LEU A 351 16.49 17.70 -21.64
C LEU A 351 15.12 17.02 -21.68
N PHE A 352 14.12 17.74 -22.16
CA PHE A 352 12.76 17.22 -22.24
C PHE A 352 12.12 17.39 -23.63
N GLY A 353 11.31 16.41 -24.00
CA GLY A 353 10.59 16.47 -25.26
C GLY A 353 9.12 16.50 -24.89
N CYS A 354 8.31 17.29 -25.59
CA CYS A 354 6.89 17.37 -25.28
C CYS A 354 6.06 17.47 -26.55
N LEU A 355 5.06 16.60 -26.64
CA LEU A 355 4.16 16.55 -27.77
C LEU A 355 2.80 17.03 -27.26
N TYR A 356 2.16 17.99 -27.94
CA TYR A 356 0.85 18.46 -27.49
C TYR A 356 -0.11 18.92 -28.58
N GLU A 357 -1.40 18.73 -28.32
CA GLU A 357 -2.45 19.13 -29.26
C GLU A 357 -2.65 20.64 -29.16
N ALA A 358 -2.75 21.31 -30.31
CA ALA A 358 -2.94 22.76 -30.28
C ALA A 358 -3.93 23.26 -31.32
N ASN A 359 -4.34 24.51 -31.16
CA ASN A 359 -5.23 25.18 -32.10
C ASN A 359 -6.50 24.44 -32.46
N ASP A 360 -7.30 24.16 -31.44
CA ASP A 360 -8.55 23.47 -31.63
C ASP A 360 -8.37 22.11 -32.32
N TYR A 361 -7.35 21.36 -31.89
CA TYR A 361 -7.08 20.04 -32.43
C TYR A 361 -6.73 20.03 -33.91
N GLU A 362 -6.11 21.09 -34.40
CA GLU A 362 -5.75 21.16 -35.82
C GLU A 362 -4.28 20.84 -36.06
N GLU A 363 -3.54 20.64 -34.98
CA GLU A 363 -2.13 20.28 -35.10
C GLU A 363 -1.62 19.71 -33.79
N ILE A 364 -0.51 18.98 -33.91
CA ILE A 364 0.15 18.40 -32.75
C ILE A 364 1.55 18.98 -32.84
N VAL A 365 1.96 19.67 -31.78
CA VAL A 365 3.25 20.33 -31.73
C VAL A 365 4.29 19.61 -30.89
N PHE A 366 5.52 19.64 -31.36
CA PHE A 366 6.64 19.06 -30.61
C PHE A 366 7.42 20.21 -29.99
N LEU A 367 7.62 20.12 -28.69
CA LEU A 367 8.36 21.13 -27.95
C LEU A 367 9.56 20.46 -27.28
N MET A 368 10.73 21.08 -27.36
CA MET A 368 11.92 20.53 -26.71
C MET A 368 12.56 21.65 -25.90
N PHE A 369 12.84 21.37 -24.63
CA PHE A 369 13.43 22.37 -23.74
C PHE A 369 14.18 21.72 -22.58
N THR A 370 14.94 22.53 -21.86
CA THR A 370 15.73 22.05 -20.72
C THR A 370 15.21 22.61 -19.40
N LEU A 371 15.62 21.98 -18.31
CA LEU A 371 15.21 22.41 -16.99
C LEU A 371 15.72 23.81 -16.71
N LYS A 372 16.90 24.11 -17.26
CA LYS A 372 17.51 25.42 -17.07
C LYS A 372 16.61 26.49 -17.70
N GLN A 373 16.11 26.22 -18.89
CA GLN A 373 15.22 27.15 -19.59
C GLN A 373 13.89 27.31 -18.85
N ALA A 374 13.29 26.19 -18.43
CA ALA A 374 11.99 26.25 -17.77
C ALA A 374 12.00 26.72 -16.31
N PHE A 375 12.99 26.28 -15.54
CA PHE A 375 13.06 26.66 -14.13
C PHE A 375 14.48 27.12 -13.75
N PRO A 376 14.87 28.29 -14.26
CA PRO A 376 16.21 28.84 -13.97
C PRO A 376 16.45 29.16 -12.49
N ALA A 377 15.38 29.42 -11.75
CA ALA A 377 15.52 29.75 -10.33
C ALA A 377 16.18 28.60 -9.56
N GLU A 378 16.12 27.40 -10.12
CA GLU A 378 16.71 26.25 -9.49
C GLU A 378 18.23 26.25 -9.72
N TYR A 379 18.68 27.14 -10.62
CA TYR A 379 20.09 27.27 -10.93
C TYR A 379 20.63 28.62 -10.49
N MET B 3 -23.79 -26.19 28.52
CA MET B 3 -23.22 -24.81 28.47
C MET B 3 -21.78 -24.78 29.00
N ALA B 4 -21.13 -25.93 29.02
CA ALA B 4 -19.75 -26.00 29.49
C ALA B 4 -18.85 -25.37 28.44
N SER B 5 -17.65 -24.95 28.83
CA SER B 5 -16.74 -24.34 27.87
C SER B 5 -16.21 -25.45 26.95
N LEU B 6 -15.43 -25.07 25.94
CA LEU B 6 -14.87 -26.00 24.97
C LEU B 6 -13.89 -27.04 25.53
N PRO B 7 -14.08 -28.33 25.21
CA PRO B 7 -13.14 -29.32 25.72
C PRO B 7 -11.85 -29.14 24.88
N VAL B 8 -10.73 -28.88 25.56
CA VAL B 8 -9.46 -28.63 24.88
C VAL B 8 -8.41 -29.68 25.17
N LEU B 9 -7.27 -29.59 24.48
CA LEU B 9 -6.19 -30.55 24.70
C LEU B 9 -5.55 -30.30 26.06
N GLN B 10 -5.47 -29.05 26.45
CA GLN B 10 -4.86 -28.72 27.72
C GLN B 10 -5.34 -27.38 28.25
N LYS B 11 -5.38 -27.29 29.58
CA LYS B 11 -5.81 -26.09 30.27
C LYS B 11 -5.10 -26.12 31.62
N GLU B 12 -4.16 -25.19 31.79
CA GLU B 12 -3.36 -25.13 33.01
C GLU B 12 -3.04 -23.69 33.40
N SER B 13 -2.96 -23.42 34.70
CA SER B 13 -2.63 -22.07 35.19
C SER B 13 -1.12 -21.94 35.20
N VAL B 14 -0.58 -21.02 34.42
CA VAL B 14 0.86 -20.83 34.36
C VAL B 14 1.38 -19.72 35.26
N PHE B 15 0.49 -18.83 35.68
CA PHE B 15 0.85 -17.73 36.58
C PHE B 15 -0.30 -17.56 37.57
N GLN B 16 0.02 -17.25 38.82
CA GLN B 16 -0.97 -17.05 39.87
C GLN B 16 -0.55 -15.94 40.81
N SER B 17 -1.51 -15.18 41.31
CA SER B 17 -1.20 -14.14 42.27
C SER B 17 -0.58 -14.84 43.48
N GLY B 18 0.38 -14.17 44.11
CA GLY B 18 1.03 -14.71 45.28
C GLY B 18 1.68 -13.53 45.95
N ALA B 19 3.01 -13.50 45.96
CA ALA B 19 3.71 -12.37 46.54
C ALA B 19 3.50 -11.19 45.60
N HIS B 20 3.29 -11.50 44.32
CA HIS B 20 3.06 -10.51 43.28
C HIS B 20 1.80 -10.85 42.49
N ALA B 21 1.32 -9.89 41.70
CA ALA B 21 0.16 -10.12 40.85
C ALA B 21 0.74 -10.27 39.44
N TYR B 22 0.03 -10.97 38.55
CA TYR B 22 0.52 -11.18 37.19
C TYR B 22 -0.54 -10.84 36.17
N ARG B 23 -0.17 -9.98 35.22
CA ARG B 23 -1.08 -9.55 34.15
C ARG B 23 -0.34 -9.38 32.83
N ILE B 24 -1.10 -9.13 31.78
CA ILE B 24 -0.56 -8.87 30.45
C ILE B 24 0.28 -9.99 29.86
N PRO B 25 -0.38 -11.07 29.42
CA PRO B 25 0.32 -12.20 28.82
C PRO B 25 0.80 -11.96 27.39
N ALA B 26 1.81 -12.73 26.99
CA ALA B 26 2.37 -12.68 25.65
C ALA B 26 2.88 -14.09 25.42
N LEU B 27 2.53 -14.67 24.27
CA LEU B 27 2.95 -16.03 23.94
C LEU B 27 3.76 -16.03 22.67
N LEU B 28 4.83 -16.81 22.64
CA LEU B 28 5.68 -16.88 21.48
C LEU B 28 6.06 -18.32 21.19
N TYR B 29 5.69 -18.80 20.02
CA TYR B 29 5.99 -20.17 19.62
C TYR B 29 7.32 -20.25 18.86
N LEU B 30 8.18 -21.18 19.28
CA LEU B 30 9.47 -21.37 18.62
C LEU B 30 9.37 -22.68 17.85
N PRO B 31 9.04 -22.61 16.54
CA PRO B 31 8.90 -23.79 15.69
C PRO B 31 10.02 -24.82 15.70
N GLY B 32 11.27 -24.36 15.65
CA GLY B 32 12.39 -25.28 15.66
C GLY B 32 12.53 -26.03 16.98
N GLN B 33 12.00 -25.44 18.05
CA GLN B 33 12.07 -26.05 19.37
C GLN B 33 10.76 -26.73 19.75
N GLN B 34 9.68 -26.38 19.06
CA GLN B 34 8.38 -26.93 19.41
C GLN B 34 8.19 -26.56 20.88
N SER B 35 8.56 -25.33 21.20
CA SER B 35 8.45 -24.80 22.56
C SER B 35 7.73 -23.44 22.55
N LEU B 36 7.22 -23.07 23.72
CA LEU B 36 6.54 -21.80 23.88
C LEU B 36 7.20 -20.97 24.96
N LEU B 37 7.19 -19.65 24.79
CA LEU B 37 7.73 -18.74 25.78
C LEU B 37 6.54 -17.90 26.22
N ALA B 38 6.19 -18.01 27.48
CA ALA B 38 5.07 -17.26 28.04
C ALA B 38 5.60 -16.12 28.90
N PHE B 39 5.26 -14.88 28.53
CA PHE B 39 5.71 -13.72 29.26
C PHE B 39 4.51 -13.09 29.98
N ALA B 40 4.80 -12.33 31.03
CA ALA B 40 3.78 -11.64 31.79
C ALA B 40 4.43 -10.56 32.63
N GLU B 41 3.64 -9.57 33.01
CA GLU B 41 4.12 -8.49 33.87
C GLU B 41 3.97 -8.95 35.32
N GLN B 42 5.06 -8.87 36.09
CA GLN B 42 5.03 -9.22 37.50
C GLN B 42 4.81 -7.87 38.20
N ARG B 43 3.67 -7.70 38.86
CA ARG B 43 3.36 -6.42 39.52
C ARG B 43 3.21 -6.57 41.04
N ALA B 44 3.34 -5.47 41.77
CA ALA B 44 3.21 -5.49 43.22
C ALA B 44 1.74 -5.63 43.62
N SER B 45 0.86 -5.21 42.71
CA SER B 45 -0.58 -5.31 42.93
C SER B 45 -1.20 -5.35 41.55
N LYS B 46 -2.53 -5.48 41.46
CA LYS B 46 -3.18 -5.54 40.16
C LYS B 46 -3.16 -4.21 39.42
N LYS B 47 -2.94 -3.10 40.12
CA LYS B 47 -2.92 -1.77 39.52
C LYS B 47 -1.78 -1.58 38.52
N ASP B 48 -2.09 -0.96 37.38
CA ASP B 48 -1.11 -0.74 36.32
C ASP B 48 0.16 -0.01 36.78
N GLU B 49 0.02 1.04 37.57
CA GLU B 49 1.18 1.81 38.02
C GLU B 49 2.07 1.02 38.98
N HIS B 50 1.62 -0.18 39.34
CA HIS B 50 2.40 -1.01 40.25
C HIS B 50 3.17 -2.09 39.49
N ALA B 51 3.22 -1.95 38.18
CA ALA B 51 3.95 -2.90 37.34
C ALA B 51 5.41 -2.80 37.80
N GLU B 52 6.16 -3.86 37.58
CA GLU B 52 7.56 -3.85 38.01
C GLU B 52 8.46 -4.47 36.96
N LEU B 53 8.45 -5.79 36.90
CA LEU B 53 9.30 -6.51 35.98
C LEU B 53 8.51 -7.46 35.11
N ILE B 54 9.19 -8.07 34.16
CA ILE B 54 8.60 -9.03 33.28
C ILE B 54 9.15 -10.39 33.65
N VAL B 55 8.29 -11.39 33.74
CA VAL B 55 8.71 -12.74 34.07
C VAL B 55 8.47 -13.62 32.84
N LEU B 56 9.06 -14.81 32.85
CA LEU B 56 8.96 -15.73 31.73
C LEU B 56 8.94 -17.20 32.16
N ARG B 57 8.27 -18.01 31.36
CA ARG B 57 8.21 -19.46 31.58
C ARG B 57 8.32 -20.10 30.21
N ARG B 58 9.18 -21.11 30.10
CA ARG B 58 9.32 -21.83 28.83
C ARG B 58 8.54 -23.13 28.91
N GLY B 59 7.74 -23.40 27.90
CA GLY B 59 6.97 -24.63 27.89
C GLY B 59 7.37 -25.45 26.69
N ASP B 60 7.59 -26.74 26.89
CA ASP B 60 7.97 -27.61 25.80
C ASP B 60 6.84 -28.55 25.44
N TYR B 61 6.48 -28.58 24.17
CA TYR B 61 5.41 -29.46 23.70
C TYR B 61 5.97 -30.88 23.62
N ASP B 62 5.23 -31.83 24.16
CA ASP B 62 5.63 -33.24 24.15
C ASP B 62 4.69 -33.98 23.19
N ALA B 63 5.22 -34.41 22.03
CA ALA B 63 4.42 -35.09 21.03
C ALA B 63 3.71 -36.37 21.51
N PRO B 64 4.42 -37.26 22.23
CA PRO B 64 3.75 -38.48 22.68
C PRO B 64 2.45 -38.22 23.45
N THR B 65 2.43 -37.22 24.33
CA THR B 65 1.24 -36.92 25.12
C THR B 65 0.44 -35.68 24.65
N HIS B 66 0.92 -35.02 23.59
CA HIS B 66 0.30 -33.79 23.11
C HIS B 66 -0.07 -32.89 24.29
N GLN B 67 0.94 -32.61 25.11
CA GLN B 67 0.81 -31.78 26.30
C GLN B 67 2.05 -30.89 26.42
N VAL B 68 1.88 -29.71 27.02
CA VAL B 68 3.00 -28.81 27.21
C VAL B 68 3.42 -28.83 28.66
N GLN B 69 4.71 -29.02 28.93
CA GLN B 69 5.21 -29.00 30.30
C GLN B 69 5.98 -27.69 30.49
N TRP B 70 5.61 -26.92 31.49
CA TRP B 70 6.25 -25.63 31.71
C TRP B 70 7.34 -25.64 32.77
N GLN B 71 8.46 -25.02 32.43
CA GLN B 71 9.60 -24.91 33.34
C GLN B 71 9.27 -23.77 34.29
N ALA B 72 10.06 -23.62 35.36
CA ALA B 72 9.81 -22.59 36.36
C ALA B 72 9.93 -21.16 35.85
N GLN B 73 9.10 -20.29 36.39
CA GLN B 73 9.12 -18.89 35.98
C GLN B 73 10.38 -18.21 36.52
N GLU B 74 10.84 -17.20 35.78
CA GLU B 74 12.01 -16.44 36.19
C GLU B 74 11.86 -15.04 35.65
N VAL B 75 12.46 -14.07 36.34
CA VAL B 75 12.37 -12.69 35.92
C VAL B 75 13.36 -12.45 34.78
N VAL B 76 12.95 -11.69 33.77
CA VAL B 76 13.84 -11.36 32.67
C VAL B 76 14.56 -10.12 33.20
N ALA B 77 15.53 -10.37 34.07
CA ALA B 77 16.30 -9.32 34.74
C ALA B 77 16.82 -8.18 33.89
N GLN B 78 17.21 -8.48 32.66
CA GLN B 78 17.75 -7.47 31.76
C GLN B 78 16.69 -6.55 31.15
N ALA B 79 15.44 -6.97 31.19
CA ALA B 79 14.35 -6.18 30.61
C ALA B 79 13.85 -5.07 31.51
N ARG B 80 14.69 -4.05 31.71
CA ARG B 80 14.32 -2.92 32.55
C ARG B 80 15.32 -1.78 32.47
N LEU B 81 14.86 -0.58 32.84
CA LEU B 81 15.73 0.59 32.87
C LEU B 81 15.74 1.05 34.32
N ASP B 82 16.91 1.47 34.78
CA ASP B 82 17.06 1.95 36.16
C ASP B 82 15.99 2.98 36.50
N GLY B 83 15.31 2.77 37.62
CA GLY B 83 14.27 3.67 38.06
C GLY B 83 12.97 3.57 37.28
N HIS B 84 12.90 2.66 36.32
CA HIS B 84 11.69 2.49 35.52
C HIS B 84 11.00 1.15 35.75
N ARG B 85 9.68 1.13 35.57
CA ARG B 85 8.92 -0.11 35.70
C ARG B 85 8.78 -0.61 34.27
N SER B 86 8.81 -1.93 34.08
CA SER B 86 8.67 -2.49 32.73
C SER B 86 7.28 -3.08 32.49
N MET B 87 6.72 -2.84 31.30
CA MET B 87 5.43 -3.40 30.98
C MET B 87 5.21 -3.58 29.48
N ASN B 88 4.12 -4.27 29.13
CA ASN B 88 3.78 -4.54 27.75
C ASN B 88 4.77 -5.44 27.01
N PRO B 89 4.99 -6.65 27.52
CA PRO B 89 5.93 -7.55 26.83
C PRO B 89 5.41 -7.86 25.44
N CYS B 90 6.28 -7.74 24.44
CA CYS B 90 5.94 -8.03 23.05
C CYS B 90 7.10 -8.80 22.42
N PRO B 91 7.02 -10.13 22.46
CA PRO B 91 8.07 -10.99 21.90
C PRO B 91 7.98 -11.16 20.39
N LEU B 92 9.12 -11.43 19.77
CA LEU B 92 9.20 -11.65 18.33
C LEU B 92 10.42 -12.50 18.03
N TYR B 93 10.25 -13.52 17.19
CA TYR B 93 11.38 -14.36 16.84
C TYR B 93 11.79 -14.15 15.38
N ASP B 94 13.04 -13.78 15.15
CA ASP B 94 13.54 -13.58 13.79
C ASP B 94 14.07 -14.93 13.30
N ALA B 95 13.25 -15.63 12.52
CA ALA B 95 13.60 -16.94 12.02
C ALA B 95 14.83 -16.99 11.12
N GLN B 96 15.27 -15.83 10.66
CA GLN B 96 16.43 -15.80 9.77
C GLN B 96 17.75 -15.57 10.49
N THR B 97 17.72 -14.81 11.58
CA THR B 97 18.94 -14.53 12.32
C THR B 97 19.00 -15.38 13.59
N GLY B 98 17.87 -15.95 13.98
CA GLY B 98 17.84 -16.77 15.18
C GLY B 98 17.86 -15.89 16.42
N THR B 99 17.48 -14.63 16.25
CA THR B 99 17.47 -13.68 17.36
C THR B 99 16.06 -13.53 17.95
N LEU B 100 15.98 -13.66 19.27
CA LEU B 100 14.73 -13.52 19.99
C LEU B 100 14.66 -12.09 20.54
N PHE B 101 13.60 -11.37 20.20
CA PHE B 101 13.43 -10.00 20.65
C PHE B 101 12.31 -9.90 21.68
N LEU B 102 12.54 -9.11 22.73
CA LEU B 102 11.51 -8.85 23.72
C LEU B 102 11.39 -7.33 23.74
N PHE B 103 10.32 -6.81 23.16
CA PHE B 103 10.10 -5.38 23.14
C PHE B 103 9.22 -5.05 24.34
N PHE B 104 9.42 -3.87 24.91
CA PHE B 104 8.62 -3.46 26.06
C PHE B 104 8.77 -1.98 26.30
N ILE B 105 7.94 -1.43 27.16
CA ILE B 105 8.02 -0.01 27.46
C ILE B 105 8.44 0.13 28.92
N ALA B 106 9.16 1.22 29.22
CA ALA B 106 9.62 1.47 30.57
C ALA B 106 9.09 2.84 30.99
N ILE B 107 8.48 2.89 32.17
CA ILE B 107 7.91 4.12 32.69
C ILE B 107 8.51 4.45 34.06
N PRO B 108 8.90 5.71 34.27
CA PRO B 108 9.50 6.16 35.55
C PRO B 108 8.61 5.87 36.76
N GLY B 109 9.21 5.29 37.79
CA GLY B 109 8.50 4.98 39.02
C GLY B 109 7.05 4.55 38.87
N GLN B 110 6.16 5.27 39.55
CA GLN B 110 4.73 4.98 39.48
C GLN B 110 3.98 6.03 38.69
N VAL B 111 4.68 6.79 37.85
CA VAL B 111 4.02 7.79 37.03
C VAL B 111 2.95 7.06 36.23
N THR B 112 1.70 7.42 36.46
CA THR B 112 0.58 6.78 35.78
C THR B 112 0.42 7.23 34.33
N GLN B 113 -0.39 6.47 33.58
CA GLN B 113 -0.67 6.78 32.20
C GLN B 113 -1.52 8.05 32.20
N GLU B 114 -2.39 8.14 33.20
CA GLU B 114 -3.29 9.28 33.36
C GLU B 114 -2.49 10.58 33.54
N GLN B 115 -1.38 10.50 34.27
CA GLN B 115 -0.55 11.68 34.49
C GLN B 115 0.04 12.20 33.19
N GLN B 116 0.59 11.31 32.37
CA GLN B 116 1.17 11.73 31.09
C GLN B 116 0.07 12.27 30.18
N LEU B 117 -1.12 11.70 30.27
CA LEU B 117 -2.25 12.15 29.46
C LEU B 117 -2.73 13.54 29.85
N GLN B 118 -2.99 13.73 31.15
CA GLN B 118 -3.46 15.03 31.64
C GLN B 118 -2.46 16.16 31.40
N THR B 119 -1.17 15.84 31.44
CA THR B 119 -0.13 16.84 31.24
C THR B 119 0.43 16.86 29.83
N ARG B 120 -0.08 15.98 28.96
CA ARG B 120 0.39 15.92 27.58
C ARG B 120 1.91 15.78 27.57
N ALA B 121 2.45 15.19 28.63
CA ALA B 121 3.90 15.01 28.74
C ALA B 121 4.29 13.53 28.74
N ASN B 122 4.90 13.11 27.64
CA ASN B 122 5.34 11.74 27.44
C ASN B 122 6.66 11.46 28.16
N VAL B 123 6.68 10.42 29.01
CA VAL B 123 7.91 10.03 29.71
C VAL B 123 8.10 8.53 29.55
N THR B 124 7.41 7.95 28.57
CA THR B 124 7.50 6.52 28.29
C THR B 124 8.66 6.21 27.36
N ARG B 125 9.38 5.12 27.65
CA ARG B 125 10.51 4.70 26.85
C ARG B 125 10.27 3.37 26.15
N LEU B 126 10.68 3.28 24.88
CA LEU B 126 10.54 2.05 24.12
C LEU B 126 11.86 1.30 24.23
N CYS B 127 11.81 0.08 24.75
CA CYS B 127 13.02 -0.71 24.93
C CYS B 127 12.94 -2.10 24.33
N GLN B 128 14.07 -2.80 24.37
CA GLN B 128 14.15 -4.16 23.88
C GLN B 128 15.39 -4.83 24.45
N VAL B 129 15.32 -6.15 24.53
CA VAL B 129 16.43 -6.99 24.97
C VAL B 129 16.38 -8.12 23.96
N THR B 130 17.54 -8.69 23.64
CA THR B 130 17.60 -9.77 22.67
C THR B 130 18.28 -10.99 23.28
N SER B 131 18.04 -12.14 22.66
CA SER B 131 18.61 -13.38 23.12
C SER B 131 18.88 -14.29 21.93
N THR B 132 20.04 -14.95 21.96
CA THR B 132 20.38 -15.87 20.88
C THR B 132 20.32 -17.31 21.37
N ASP B 133 19.85 -17.50 22.60
CA ASP B 133 19.72 -18.84 23.16
C ASP B 133 18.33 -19.13 23.72
N HIS B 134 17.32 -18.62 23.02
CA HIS B 134 15.92 -18.83 23.38
C HIS B 134 15.48 -18.42 24.78
N GLY B 135 15.93 -17.26 25.25
CA GLY B 135 15.50 -16.82 26.56
C GLY B 135 16.35 -17.26 27.74
N ARG B 136 17.40 -18.02 27.48
CA ARG B 136 18.28 -18.47 28.55
C ARG B 136 19.04 -17.29 29.13
N THR B 137 19.57 -16.46 28.24
CA THR B 137 20.29 -15.27 28.65
C THR B 137 19.85 -14.12 27.76
N TRP B 138 19.82 -12.91 28.31
CA TRP B 138 19.40 -11.75 27.53
C TRP B 138 20.47 -10.66 27.49
N SER B 139 20.45 -9.86 26.43
CA SER B 139 21.42 -8.78 26.28
C SER B 139 21.06 -7.64 27.22
N SER B 140 21.90 -6.62 27.25
CA SER B 140 21.61 -5.45 28.08
C SER B 140 20.46 -4.77 27.35
N PRO B 141 19.62 -4.04 28.09
CA PRO B 141 18.49 -3.37 27.43
C PRO B 141 18.94 -2.27 26.47
N ARG B 142 18.20 -2.12 25.39
CA ARG B 142 18.52 -1.10 24.39
C ARG B 142 17.33 -0.14 24.33
N ASP B 143 17.58 1.15 24.60
CA ASP B 143 16.51 2.15 24.55
C ASP B 143 16.36 2.63 23.10
N LEU B 144 15.29 2.17 22.45
CA LEU B 144 15.01 2.50 21.06
C LEU B 144 14.28 3.81 20.83
N THR B 145 13.88 4.47 21.93
CA THR B 145 13.12 5.70 21.82
C THR B 145 13.64 6.68 20.78
N ASP B 146 14.88 7.12 20.93
CA ASP B 146 15.45 8.08 19.99
C ASP B 146 15.45 7.60 18.55
N ALA B 147 15.84 6.34 18.36
CA ALA B 147 15.93 5.74 17.03
C ALA B 147 14.60 5.37 16.37
N ALA B 148 13.61 4.99 17.16
CA ALA B 148 12.33 4.59 16.59
C ALA B 148 11.23 5.65 16.65
N ILE B 149 11.29 6.54 17.64
CA ILE B 149 10.28 7.58 17.78
C ILE B 149 10.83 8.97 17.46
N GLY B 150 12.02 9.26 17.96
CA GLY B 150 12.66 10.54 17.71
C GLY B 150 11.77 11.77 17.67
N PRO B 151 11.69 12.43 16.50
CA PRO B 151 10.89 13.64 16.27
C PRO B 151 9.43 13.54 16.69
N ALA B 152 8.87 12.33 16.62
CA ALA B 152 7.48 12.13 16.98
C ALA B 152 7.23 12.06 18.49
N TYR B 153 8.29 11.90 19.27
CA TYR B 153 8.13 11.78 20.71
C TYR B 153 7.29 12.89 21.35
N ARG B 154 7.57 14.14 21.01
CA ARG B 154 6.84 15.26 21.58
C ARG B 154 5.44 15.38 21.01
N GLU B 155 5.15 14.56 20.00
CA GLU B 155 3.84 14.57 19.35
C GLU B 155 2.85 13.65 20.05
N TRP B 156 3.35 12.84 20.98
CA TRP B 156 2.50 11.91 21.71
C TRP B 156 2.48 12.16 23.22
N SER B 157 1.31 12.02 23.83
CA SER B 157 1.21 12.19 25.28
C SER B 157 1.81 10.97 25.96
N THR B 158 1.68 9.81 25.30
CA THR B 158 2.22 8.53 25.78
C THR B 158 1.95 7.48 24.70
N PHE B 159 2.48 6.27 24.89
CA PHE B 159 2.31 5.21 23.88
C PHE B 159 2.63 3.85 24.50
N ALA B 160 2.49 2.80 23.70
CA ALA B 160 2.80 1.44 24.12
C ALA B 160 2.88 0.52 22.90
N VAL B 161 3.43 -0.67 23.11
CA VAL B 161 3.54 -1.67 22.04
C VAL B 161 2.75 -2.90 22.51
N GLY B 162 2.17 -3.62 21.56
CA GLY B 162 1.39 -4.79 21.91
C GLY B 162 0.28 -4.43 22.87
N PRO B 163 0.13 -5.17 23.98
CA PRO B 163 0.98 -6.31 24.36
C PRO B 163 0.73 -7.52 23.47
N GLY B 164 1.62 -8.51 23.57
CA GLY B 164 1.46 -9.71 22.78
C GLY B 164 2.52 -9.87 21.72
N HIS B 165 2.48 -11.02 21.04
CA HIS B 165 3.44 -11.33 20.01
C HIS B 165 3.47 -10.32 18.88
N CYS B 166 4.63 -10.20 18.25
CA CYS B 166 4.81 -9.28 17.13
C CYS B 166 4.75 -10.10 15.86
N LEU B 167 5.16 -9.51 14.75
CA LEU B 167 5.10 -10.20 13.48
C LEU B 167 6.33 -10.01 12.60
N GLN B 168 6.69 -11.06 11.88
CA GLN B 168 7.79 -11.01 10.93
C GLN B 168 7.15 -11.39 9.60
N LEU B 169 7.23 -10.51 8.62
CA LEU B 169 6.61 -10.76 7.32
C LEU B 169 7.39 -11.72 6.46
N ASN B 170 6.76 -12.20 5.39
CA ASN B 170 7.42 -13.09 4.46
C ASN B 170 7.80 -12.32 3.22
N ASP B 171 8.14 -11.06 3.41
CA ASP B 171 8.58 -10.20 2.31
C ASP B 171 10.05 -10.54 2.10
N ARG B 172 10.67 -9.92 1.12
CA ARG B 172 12.07 -10.18 0.80
C ARG B 172 12.97 -10.03 2.03
N ALA B 173 12.92 -8.86 2.66
CA ALA B 173 13.75 -8.58 3.82
C ALA B 173 13.29 -9.22 5.14
N ARG B 174 12.20 -9.99 5.10
CA ARG B 174 11.67 -10.61 6.31
C ARG B 174 11.57 -9.55 7.40
N SER B 175 10.86 -8.48 7.07
CA SER B 175 10.68 -7.34 7.96
C SER B 175 10.03 -7.68 9.30
N LEU B 176 10.38 -6.90 10.32
CA LEU B 176 9.82 -7.07 11.66
C LEU B 176 8.74 -6.02 11.84
N VAL B 177 7.58 -6.45 12.34
CA VAL B 177 6.47 -5.53 12.55
C VAL B 177 6.00 -5.58 14.01
N VAL B 178 6.06 -4.45 14.68
CA VAL B 178 5.65 -4.38 16.08
C VAL B 178 4.42 -3.50 16.19
N PRO B 179 3.26 -4.09 16.53
CA PRO B 179 2.03 -3.33 16.65
C PRO B 179 2.10 -2.40 17.85
N ALA B 180 1.49 -1.23 17.73
CA ALA B 180 1.51 -0.25 18.82
C ALA B 180 0.37 0.75 18.67
N TYR B 181 0.35 1.74 19.55
CA TYR B 181 -0.64 2.80 19.51
C TYR B 181 -0.12 4.00 20.31
N ALA B 182 -0.57 5.20 19.97
CA ALA B 182 -0.12 6.39 20.67
C ALA B 182 -1.21 7.43 20.79
N TYR B 183 -1.17 8.19 21.87
CA TYR B 183 -2.13 9.25 22.10
C TYR B 183 -1.57 10.48 21.41
N ARG B 184 -2.17 10.83 20.28
CA ARG B 184 -1.73 11.95 19.48
C ARG B 184 -2.26 13.31 19.91
N LYS B 185 -1.36 14.27 20.02
CA LYS B 185 -1.73 15.64 20.39
C LYS B 185 -2.16 16.28 19.08
N LEU B 186 -3.45 16.22 18.78
CA LEU B 186 -3.95 16.77 17.53
C LEU B 186 -4.63 18.13 17.66
N HIS B 187 -5.27 18.38 18.81
CA HIS B 187 -6.00 19.61 19.05
C HIS B 187 -5.45 20.36 20.27
N PRO B 188 -5.52 21.71 20.25
CA PRO B 188 -5.02 22.53 21.36
C PRO B 188 -5.86 22.37 22.61
N ILE B 189 -7.14 22.05 22.43
CA ILE B 189 -8.07 21.90 23.53
C ILE B 189 -8.57 20.46 23.74
N GLN B 190 -8.97 19.82 22.66
CA GLN B 190 -9.46 18.45 22.72
C GLN B 190 -8.40 17.51 23.28
N ARG B 191 -8.84 16.52 24.04
CA ARG B 191 -7.91 15.56 24.62
C ARG B 191 -7.30 14.72 23.50
N PRO B 192 -5.99 14.45 23.59
CA PRO B 192 -5.30 13.65 22.56
C PRO B 192 -6.02 12.32 22.36
N ILE B 193 -6.16 11.91 21.10
CA ILE B 193 -6.83 10.66 20.74
C ILE B 193 -5.83 9.57 20.33
N PRO B 194 -6.01 8.35 20.85
CA PRO B 194 -5.10 7.25 20.50
C PRO B 194 -5.39 6.62 19.15
N SER B 195 -4.33 6.18 18.48
CA SER B 195 -4.44 5.51 17.18
C SER B 195 -3.37 4.43 17.11
N ALA B 196 -3.73 3.30 16.52
CA ALA B 196 -2.82 2.18 16.37
C ALA B 196 -1.91 2.42 15.17
N PHE B 197 -0.77 1.74 15.16
CA PHE B 197 0.21 1.85 14.08
C PHE B 197 1.27 0.78 14.36
N CYS B 198 2.19 0.58 13.42
CA CYS B 198 3.25 -0.41 13.60
C CYS B 198 4.65 0.18 13.42
N PHE B 199 5.57 -0.23 14.28
CA PHE B 199 6.97 0.17 14.13
C PHE B 199 7.45 -0.83 13.10
N LEU B 200 8.31 -0.40 12.19
CA LEU B 200 8.79 -1.29 11.15
C LEU B 200 10.31 -1.33 11.01
N SER B 201 10.83 -2.54 10.86
CA SER B 201 12.26 -2.71 10.67
C SER B 201 12.47 -3.61 9.46
N HIS B 202 13.31 -3.17 8.53
CA HIS B 202 13.56 -3.95 7.32
C HIS B 202 14.96 -4.56 7.35
N ASP B 203 15.70 -4.28 8.42
CA ASP B 203 17.05 -4.81 8.54
C ASP B 203 17.25 -5.61 9.84
N HIS B 204 16.29 -6.48 10.13
CA HIS B 204 16.35 -7.36 11.29
C HIS B 204 16.58 -6.69 12.63
N GLY B 205 16.01 -5.51 12.83
CA GLY B 205 16.17 -4.82 14.10
C GLY B 205 17.30 -3.82 14.20
N ARG B 206 18.02 -3.60 13.10
CA ARG B 206 19.11 -2.63 13.11
C ARG B 206 18.48 -1.25 13.26
N THR B 207 17.59 -0.92 12.34
CA THR B 207 16.93 0.39 12.37
C THR B 207 15.42 0.25 12.36
N TRP B 208 14.75 1.30 12.79
CA TRP B 208 13.30 1.31 12.88
C TRP B 208 12.67 2.53 12.24
N ALA B 209 11.41 2.38 11.86
CA ALA B 209 10.65 3.47 11.26
C ALA B 209 9.23 3.34 11.79
N ARG B 210 8.46 4.42 11.71
CA ARG B 210 7.08 4.40 12.18
C ARG B 210 6.14 4.33 10.99
N GLY B 211 5.23 3.36 11.02
CA GLY B 211 4.26 3.24 9.95
C GLY B 211 3.20 4.29 10.23
N HIS B 212 2.28 4.51 9.29
CA HIS B 212 1.24 5.52 9.50
C HIS B 212 0.13 5.01 10.41
N PHE B 213 -0.62 5.94 11.00
CA PHE B 213 -1.70 5.63 11.93
C PHE B 213 -2.98 5.15 11.25
N VAL B 214 -3.73 4.31 11.95
CA VAL B 214 -5.01 3.85 11.42
C VAL B 214 -5.92 5.04 11.71
N ALA B 215 -6.68 5.48 10.72
CA ALA B 215 -7.55 6.64 10.89
C ALA B 215 -8.72 6.42 11.84
N GLN B 216 -8.44 6.21 13.11
CA GLN B 216 -9.50 6.00 14.08
C GLN B 216 -9.03 5.94 15.52
N ASP B 217 -9.96 6.15 16.45
CA ASP B 217 -9.70 6.11 17.87
C ASP B 217 -9.50 4.65 18.28
N THR B 218 -8.23 4.24 18.33
CA THR B 218 -7.90 2.86 18.64
C THR B 218 -6.73 2.69 19.62
N LEU B 219 -6.83 1.65 20.43
CA LEU B 219 -5.81 1.35 21.43
C LEU B 219 -4.99 0.12 21.05
N GLU B 220 -4.69 -0.74 22.01
CA GLU B 220 -3.89 -1.95 21.75
C GLU B 220 -4.36 -2.76 20.56
N CYS B 221 -3.39 -3.19 19.74
CA CYS B 221 -3.71 -3.96 18.54
C CYS B 221 -2.68 -5.06 18.28
N GLN B 222 -3.03 -5.93 17.34
CA GLN B 222 -2.14 -7.00 16.93
C GLN B 222 -2.28 -7.15 15.43
N VAL B 223 -1.24 -7.65 14.79
CA VAL B 223 -1.26 -7.83 13.34
C VAL B 223 -0.95 -9.26 12.92
N ALA B 224 -1.46 -9.63 11.75
CA ALA B 224 -1.24 -10.95 11.19
C ALA B 224 -1.09 -10.74 9.70
N GLU B 225 -0.36 -11.63 9.04
CA GLU B 225 -0.15 -11.54 7.60
C GLU B 225 -0.94 -12.64 6.91
N VAL B 226 -1.60 -12.28 5.80
CA VAL B 226 -2.38 -13.25 5.03
C VAL B 226 -2.05 -13.14 3.55
N GLU B 227 -1.91 -14.29 2.90
CA GLU B 227 -1.63 -14.34 1.47
C GLU B 227 -2.94 -14.61 0.75
N THR B 228 -3.29 -13.75 -0.20
CA THR B 228 -4.54 -13.92 -0.94
C THR B 228 -4.35 -14.48 -2.34
N GLY B 229 -3.19 -15.10 -2.59
CA GLY B 229 -2.92 -15.65 -3.91
C GLY B 229 -2.52 -14.54 -4.87
N GLU B 230 -3.02 -13.34 -4.59
CA GLU B 230 -2.71 -12.19 -5.43
C GLU B 230 -1.65 -11.32 -4.75
N GLN B 231 -1.66 -11.29 -3.42
CA GLN B 231 -0.70 -10.50 -2.67
C GLN B 231 -0.75 -10.80 -1.19
N ARG B 232 0.26 -10.35 -0.46
CA ARG B 232 0.30 -10.53 0.98
C ARG B 232 -0.34 -9.28 1.59
N VAL B 233 -1.18 -9.48 2.60
CA VAL B 233 -1.85 -8.35 3.26
C VAL B 233 -1.67 -8.44 4.77
N VAL B 234 -1.53 -7.29 5.41
CA VAL B 234 -1.37 -7.26 6.87
C VAL B 234 -2.69 -6.78 7.47
N THR B 235 -3.30 -7.64 8.28
CA THR B 235 -4.56 -7.30 8.92
C THR B 235 -4.27 -6.82 10.34
N LEU B 236 -4.89 -5.71 10.73
CA LEU B 236 -4.70 -5.16 12.06
C LEU B 236 -6.05 -5.21 12.80
N ASN B 237 -6.02 -5.73 14.02
CA ASN B 237 -7.22 -5.85 14.84
C ASN B 237 -6.95 -5.06 16.12
N ALA B 238 -7.74 -4.03 16.35
CA ALA B 238 -7.54 -3.17 17.50
C ALA B 238 -8.70 -2.96 18.46
N ARG B 239 -8.33 -2.66 19.70
CA ARG B 239 -9.27 -2.39 20.79
C ARG B 239 -9.83 -0.98 20.61
N SER B 240 -11.11 -0.79 20.92
CA SER B 240 -11.71 0.53 20.82
C SER B 240 -12.83 0.71 21.83
N HIS B 241 -13.22 1.96 22.06
CA HIS B 241 -14.28 2.27 23.02
C HIS B 241 -15.66 2.26 22.36
N LEU B 242 -15.70 1.90 21.09
CA LEU B 242 -16.96 1.89 20.35
C LEU B 242 -17.80 0.62 20.46
N ARG B 243 -17.49 -0.20 21.47
CA ARG B 243 -18.24 -1.43 21.70
C ARG B 243 -18.07 -2.50 20.62
N ALA B 244 -17.07 -2.33 19.77
CA ALA B 244 -16.79 -3.29 18.71
C ALA B 244 -15.32 -3.11 18.32
N ARG B 245 -14.72 -4.17 17.79
CA ARG B 245 -13.33 -4.11 17.37
C ARG B 245 -13.17 -3.29 16.11
N VAL B 246 -11.99 -2.72 15.94
CA VAL B 246 -11.68 -1.96 14.74
C VAL B 246 -10.71 -2.84 13.96
N GLN B 247 -10.95 -2.94 12.66
CA GLN B 247 -10.10 -3.75 11.79
C GLN B 247 -9.62 -2.89 10.63
N ALA B 248 -8.35 -3.04 10.26
CA ALA B 248 -7.78 -2.28 9.16
C ALA B 248 -6.84 -3.21 8.38
N GLN B 249 -6.54 -2.81 7.15
CA GLN B 249 -5.68 -3.61 6.30
C GLN B 249 -4.59 -2.79 5.62
N SER B 250 -3.44 -3.42 5.42
CA SER B 250 -2.33 -2.76 4.76
C SER B 250 -1.87 -3.61 3.58
N THR B 251 -1.68 -2.98 2.44
CA THR B 251 -1.21 -3.68 1.25
C THR B 251 0.26 -3.36 1.04
N ASN B 252 0.84 -2.59 1.95
CA ASN B 252 2.25 -2.24 1.82
C ASN B 252 3.05 -2.57 3.08
N ASP B 253 2.84 -3.79 3.57
CA ASP B 253 3.56 -4.30 4.74
C ASP B 253 3.57 -3.44 6.00
N GLY B 254 2.44 -2.83 6.32
CA GLY B 254 2.35 -2.04 7.53
C GLY B 254 2.63 -0.55 7.47
N LEU B 255 3.07 -0.06 6.32
CA LEU B 255 3.36 1.37 6.21
C LEU B 255 2.06 2.18 6.26
N ASP B 256 1.06 1.69 5.54
CA ASP B 256 -0.24 2.35 5.50
C ASP B 256 -1.35 1.37 5.81
N PHE B 257 -2.32 1.80 6.61
CA PHE B 257 -3.46 0.96 6.94
C PHE B 257 -4.71 1.64 6.39
N GLN B 258 -5.48 0.89 5.61
CA GLN B 258 -6.69 1.43 5.00
C GLN B 258 -7.93 0.59 5.32
N GLU B 259 -9.07 1.03 4.81
CA GLU B 259 -10.34 0.34 5.01
C GLU B 259 -10.65 0.07 6.48
N SER B 260 -10.18 0.92 7.37
CA SER B 260 -10.44 0.71 8.78
C SER B 260 -11.94 0.78 9.00
N GLN B 261 -12.45 -0.07 9.89
CA GLN B 261 -13.88 -0.07 10.18
C GLN B 261 -14.21 -0.88 11.42
N LEU B 262 -15.39 -0.62 11.97
CA LEU B 262 -15.85 -1.35 13.14
C LEU B 262 -16.32 -2.71 12.66
N VAL B 263 -16.14 -3.71 13.50
CA VAL B 263 -16.57 -5.06 13.18
C VAL B 263 -17.54 -5.43 14.28
N LYS B 264 -18.82 -5.15 14.05
CA LYS B 264 -19.86 -5.39 15.03
C LYS B 264 -19.96 -6.84 15.51
N LYS B 265 -19.58 -7.79 14.67
CA LYS B 265 -19.61 -9.20 15.06
C LYS B 265 -18.64 -9.45 16.21
N LEU B 266 -17.62 -8.60 16.34
CA LEU B 266 -16.60 -8.74 17.38
C LEU B 266 -16.84 -7.70 18.48
N VAL B 267 -17.56 -8.09 19.51
CA VAL B 267 -17.90 -7.18 20.60
C VAL B 267 -16.76 -6.74 21.52
N GLU B 268 -16.91 -5.53 22.06
CA GLU B 268 -15.98 -4.91 23.01
C GLU B 268 -16.81 -4.39 24.19
N PRO B 269 -16.38 -4.68 25.42
CA PRO B 269 -17.14 -4.20 26.58
C PRO B 269 -16.79 -2.75 26.87
N PRO B 270 -17.65 -2.04 27.63
CA PRO B 270 -17.39 -0.64 27.97
C PRO B 270 -16.50 -0.57 29.21
N PRO B 271 -15.94 0.60 29.53
CA PRO B 271 -16.09 1.86 28.78
C PRO B 271 -15.16 2.00 27.56
N GLN B 272 -14.05 1.27 27.54
CA GLN B 272 -13.15 1.38 26.40
C GLN B 272 -12.55 0.06 25.90
N GLY B 273 -13.34 -1.00 26.02
CA GLY B 273 -12.91 -2.30 25.53
C GLY B 273 -11.84 -3.04 26.31
N CYS B 274 -11.36 -4.10 25.69
CA CYS B 274 -10.34 -4.96 26.27
C CYS B 274 -9.42 -5.44 25.16
N GLN B 275 -8.16 -5.68 25.49
CA GLN B 275 -7.20 -6.16 24.50
C GLN B 275 -7.65 -7.52 24.01
N GLY B 276 -7.29 -7.86 22.78
CA GLY B 276 -7.64 -9.13 22.18
C GLY B 276 -6.50 -9.58 21.30
N SER B 277 -6.53 -10.83 20.82
CA SER B 277 -5.45 -11.34 20.00
C SER B 277 -5.89 -11.96 18.66
N VAL B 278 -5.05 -11.81 17.64
CA VAL B 278 -5.34 -12.38 16.33
C VAL B 278 -4.09 -12.98 15.69
N ILE B 279 -4.27 -14.08 14.97
CA ILE B 279 -3.17 -14.75 14.27
C ILE B 279 -3.71 -15.33 12.98
N SER B 280 -2.81 -15.66 12.07
CA SER B 280 -3.20 -16.29 10.82
C SER B 280 -2.61 -17.69 10.91
N PHE B 281 -3.21 -18.64 10.21
CA PHE B 281 -2.71 -20.00 10.22
C PHE B 281 -3.07 -20.63 8.88
N PRO B 282 -2.39 -21.72 8.51
CA PRO B 282 -2.63 -22.41 7.25
C PRO B 282 -4.07 -22.91 7.08
N SER B 283 -4.68 -22.55 5.96
CA SER B 283 -6.05 -22.97 5.69
C SER B 283 -6.13 -24.48 5.45
N PRO B 284 -7.16 -25.14 6.01
CA PRO B 284 -7.36 -26.59 5.86
C PRO B 284 -7.69 -26.97 4.41
N ARG B 285 -8.11 -25.97 3.63
CA ARG B 285 -8.46 -26.19 2.24
C ARG B 285 -8.28 -24.93 1.41
N SER B 290 -9.61 -21.78 -1.04
CA SER B 290 -9.03 -20.81 -1.97
C SER B 290 -7.94 -19.97 -1.30
N PRO B 291 -8.27 -19.28 -0.19
CA PRO B 291 -7.25 -18.47 0.50
C PRO B 291 -6.22 -19.37 1.17
N ALA B 292 -4.98 -18.89 1.25
CA ALA B 292 -3.90 -19.67 1.86
C ALA B 292 -3.94 -19.72 3.38
N GLN B 293 -4.42 -18.66 4.02
CA GLN B 293 -4.50 -18.63 5.48
C GLN B 293 -5.84 -18.14 5.99
N TRP B 294 -6.18 -18.57 7.19
CA TRP B 294 -7.41 -18.16 7.86
C TRP B 294 -6.96 -17.41 9.10
N LEU B 295 -7.88 -16.72 9.77
CA LEU B 295 -7.51 -15.99 10.97
C LEU B 295 -8.25 -16.54 12.19
N LEU B 296 -7.60 -16.51 13.33
CA LEU B 296 -8.21 -16.92 14.58
C LEU B 296 -8.04 -15.70 15.47
N TYR B 297 -9.03 -15.44 16.30
CA TYR B 297 -9.05 -14.29 17.18
C TYR B 297 -9.72 -14.68 18.50
N THR B 298 -9.14 -14.27 19.62
CA THR B 298 -9.70 -14.58 20.93
C THR B 298 -9.94 -13.26 21.66
N HIS B 299 -11.00 -13.22 22.46
CA HIS B 299 -11.36 -11.99 23.15
C HIS B 299 -12.60 -12.26 23.98
N PRO B 300 -12.81 -11.49 25.06
CA PRO B 300 -14.01 -11.70 25.87
C PRO B 300 -15.22 -11.49 24.96
N THR B 301 -16.32 -12.19 25.24
CA THR B 301 -17.52 -12.09 24.42
C THR B 301 -18.68 -11.38 25.11
N HIS B 302 -18.49 -10.96 26.36
CA HIS B 302 -19.52 -10.29 27.13
C HIS B 302 -19.68 -8.85 26.69
N SER B 303 -20.90 -8.34 26.63
CA SER B 303 -21.08 -6.97 26.18
C SER B 303 -21.04 -5.95 27.32
N TRP B 304 -21.09 -6.43 28.56
CA TRP B 304 -21.07 -5.53 29.72
C TRP B 304 -19.77 -5.56 30.51
N GLN B 305 -19.11 -6.70 30.55
CA GLN B 305 -17.88 -6.80 31.32
C GLN B 305 -16.87 -7.72 30.67
N ARG B 306 -15.71 -7.87 31.30
CA ARG B 306 -14.68 -8.74 30.77
C ARG B 306 -14.91 -10.19 31.21
N ALA B 307 -15.58 -10.96 30.36
CA ALA B 307 -15.87 -12.35 30.67
C ALA B 307 -16.15 -13.19 29.45
N ASP B 308 -16.08 -14.50 29.65
CA ASP B 308 -16.36 -15.48 28.61
C ASP B 308 -15.45 -15.36 27.39
N LEU B 309 -14.21 -15.81 27.57
CA LEU B 309 -13.25 -15.76 26.47
C LEU B 309 -13.77 -16.58 25.31
N GLY B 310 -13.77 -16.01 24.12
CA GLY B 310 -14.25 -16.75 22.97
C GLY B 310 -13.23 -16.75 21.84
N ALA B 311 -13.32 -17.76 20.97
CA ALA B 311 -12.43 -17.85 19.81
C ALA B 311 -13.33 -17.61 18.59
N TYR B 312 -12.85 -16.83 17.64
CA TYR B 312 -13.60 -16.52 16.43
C TYR B 312 -12.76 -16.92 15.22
N LEU B 313 -13.42 -17.40 14.17
CA LEU B 313 -12.73 -17.86 12.97
C LEU B 313 -13.07 -17.01 11.75
N ASN B 314 -12.07 -16.69 10.94
CA ASN B 314 -12.34 -15.95 9.71
C ASN B 314 -11.74 -16.77 8.57
N PRO B 315 -12.60 -17.49 7.84
CA PRO B 315 -12.19 -18.35 6.71
C PRO B 315 -12.04 -17.63 5.36
N ARG B 316 -12.33 -16.32 5.36
CA ARG B 316 -12.21 -15.49 4.15
C ARG B 316 -11.52 -14.19 4.54
N PRO B 317 -10.35 -14.27 5.16
CA PRO B 317 -9.65 -13.05 5.57
C PRO B 317 -9.22 -12.12 4.44
N PRO B 318 -9.30 -10.80 4.69
CA PRO B 318 -9.74 -10.22 5.96
C PRO B 318 -11.19 -9.69 5.99
N ALA B 319 -12.03 -10.19 5.10
CA ALA B 319 -13.43 -9.74 5.04
C ALA B 319 -14.08 -9.72 6.42
N PRO B 320 -14.44 -8.52 6.92
CA PRO B 320 -15.08 -8.34 8.22
C PRO B 320 -16.35 -9.16 8.44
N GLU B 321 -17.15 -9.30 7.39
CA GLU B 321 -18.40 -10.05 7.49
C GLU B 321 -18.19 -11.56 7.54
N ALA B 322 -16.96 -12.01 7.32
CA ALA B 322 -16.67 -13.43 7.35
C ALA B 322 -16.36 -13.96 8.75
N TRP B 323 -16.32 -13.07 9.74
CA TRP B 323 -16.05 -13.50 11.10
C TRP B 323 -17.17 -14.38 11.61
N SER B 324 -16.81 -15.59 12.06
CA SER B 324 -17.78 -16.54 12.56
C SER B 324 -18.33 -16.11 13.91
N GLU B 325 -19.26 -16.90 14.42
CA GLU B 325 -19.81 -16.64 15.74
C GLU B 325 -18.73 -17.21 16.64
N PRO B 326 -18.62 -16.72 17.87
CA PRO B 326 -17.58 -17.27 18.73
C PRO B 326 -17.88 -18.63 19.36
N VAL B 327 -16.83 -19.33 19.76
CA VAL B 327 -16.95 -20.60 20.46
C VAL B 327 -16.42 -20.26 21.85
N LEU B 328 -17.11 -20.72 22.88
CA LEU B 328 -16.72 -20.44 24.26
C LEU B 328 -15.48 -21.22 24.73
N LEU B 329 -14.40 -20.49 24.99
CA LEU B 329 -13.15 -21.10 25.46
C LEU B 329 -13.09 -21.21 26.97
N ALA B 330 -13.60 -20.18 27.64
CA ALA B 330 -13.57 -20.16 29.09
C ALA B 330 -14.72 -19.33 29.65
N LYS B 331 -15.35 -19.86 30.69
CA LYS B 331 -16.47 -19.15 31.31
C LYS B 331 -16.00 -18.24 32.43
N GLY B 332 -16.77 -17.20 32.72
CA GLY B 332 -16.42 -16.28 33.78
C GLY B 332 -15.42 -15.20 33.43
N SER B 333 -14.87 -14.58 34.48
CA SER B 333 -13.89 -13.51 34.35
C SER B 333 -12.76 -13.87 33.40
N CYS B 334 -12.60 -13.08 32.34
CA CYS B 334 -11.55 -13.28 31.34
C CYS B 334 -11.20 -11.91 30.78
N ALA B 335 -9.91 -11.64 30.58
CA ALA B 335 -9.49 -10.35 30.07
C ALA B 335 -8.51 -10.46 28.89
N TYR B 336 -7.28 -9.97 29.07
CA TYR B 336 -6.28 -10.01 28.00
C TYR B 336 -5.92 -11.44 27.59
N SER B 337 -5.52 -11.59 26.32
CA SER B 337 -5.14 -12.90 25.82
C SER B 337 -4.14 -12.78 24.67
N ASP B 338 -3.46 -13.88 24.37
CA ASP B 338 -2.51 -13.89 23.27
C ASP B 338 -2.52 -15.27 22.65
N LEU B 339 -2.52 -15.29 21.32
CA LEU B 339 -2.57 -16.52 20.55
C LEU B 339 -1.29 -16.81 19.80
N GLN B 340 -1.07 -18.10 19.52
CA GLN B 340 0.06 -18.54 18.74
C GLN B 340 -0.34 -19.79 17.97
N SER B 341 0.05 -19.82 16.70
CA SER B 341 -0.19 -20.96 15.84
C SER B 341 0.95 -21.93 16.19
N MET B 342 0.61 -23.17 16.51
CA MET B 342 1.63 -24.15 16.88
C MET B 342 1.82 -25.22 15.82
N GLY B 343 1.35 -24.96 14.61
CA GLY B 343 1.50 -25.93 13.54
C GLY B 343 0.39 -26.98 13.50
N THR B 344 0.74 -28.19 13.10
CA THR B 344 -0.22 -29.28 13.00
C THR B 344 -0.42 -30.01 14.32
N GLY B 345 -1.68 -30.18 14.72
CA GLY B 345 -1.99 -30.85 15.96
C GLY B 345 -2.09 -32.36 15.86
N PRO B 346 -2.36 -33.05 16.99
CA PRO B 346 -2.50 -34.50 17.06
C PRO B 346 -3.64 -35.06 16.22
N ASP B 347 -4.63 -34.24 15.92
CA ASP B 347 -5.76 -34.71 15.13
C ASP B 347 -5.65 -34.31 13.66
N GLY B 348 -4.48 -33.83 13.25
CA GLY B 348 -4.28 -33.43 11.88
C GLY B 348 -4.73 -32.02 11.54
N SER B 349 -5.41 -31.36 12.47
CA SER B 349 -5.86 -29.99 12.23
C SER B 349 -4.94 -28.97 12.92
N PRO B 350 -5.02 -27.70 12.52
CA PRO B 350 -4.19 -26.65 13.11
C PRO B 350 -4.23 -26.63 14.63
N LEU B 351 -3.05 -26.50 15.24
CA LEU B 351 -2.91 -26.45 16.70
C LEU B 351 -2.70 -25.02 17.18
N PHE B 352 -3.35 -24.66 18.29
CA PHE B 352 -3.23 -23.30 18.82
C PHE B 352 -2.87 -23.26 20.30
N GLY B 353 -2.10 -22.24 20.67
CA GLY B 353 -1.73 -22.05 22.05
C GLY B 353 -2.36 -20.73 22.44
N CYS B 354 -2.88 -20.62 23.65
CA CYS B 354 -3.51 -19.37 24.07
C CYS B 354 -3.25 -19.08 25.53
N LEU B 355 -2.90 -17.82 25.80
CA LEU B 355 -2.62 -17.39 27.16
C LEU B 355 -3.70 -16.35 27.48
N TYR B 356 -4.32 -16.44 28.66
CA TYR B 356 -5.33 -15.44 29.01
C TYR B 356 -5.50 -15.18 30.50
N GLU B 357 -5.85 -13.94 30.81
CA GLU B 357 -6.06 -13.48 32.17
C GLU B 357 -7.42 -13.99 32.63
N ALA B 358 -7.49 -14.49 33.85
CA ALA B 358 -8.75 -15.01 34.37
C ALA B 358 -8.93 -14.75 35.86
N ASN B 359 -10.17 -14.94 36.30
CA ASN B 359 -10.55 -14.80 37.69
C ASN B 359 -10.13 -13.50 38.33
N ASP B 360 -10.60 -12.40 37.75
CA ASP B 360 -10.30 -11.07 38.26
C ASP B 360 -8.80 -10.83 38.37
N TYR B 361 -8.08 -11.19 37.31
CA TYR B 361 -6.65 -11.00 37.24
C TYR B 361 -5.83 -11.71 38.31
N GLU B 362 -6.33 -12.84 38.81
CA GLU B 362 -5.59 -13.59 39.83
C GLU B 362 -4.80 -14.76 39.24
N GLU B 363 -4.92 -14.96 37.94
CA GLU B 363 -4.17 -16.03 37.29
C GLU B 363 -4.16 -15.84 35.79
N ILE B 364 -3.19 -16.46 35.14
CA ILE B 364 -3.06 -16.43 33.69
C ILE B 364 -3.08 -17.89 33.30
N VAL B 365 -4.05 -18.25 32.47
CA VAL B 365 -4.26 -19.62 32.03
C VAL B 365 -3.74 -19.93 30.64
N PHE B 366 -3.21 -21.14 30.47
CA PHE B 366 -2.73 -21.59 29.18
C PHE B 366 -3.74 -22.58 28.63
N LEU B 367 -4.11 -22.39 27.37
CA LEU B 367 -5.07 -23.24 26.69
C LEU B 367 -4.45 -23.75 25.39
N MET B 368 -4.66 -25.02 25.08
CA MET B 368 -4.14 -25.56 23.84
C MET B 368 -5.27 -26.37 23.21
N PHE B 369 -5.57 -26.07 21.95
CA PHE B 369 -6.65 -26.76 21.26
C PHE B 369 -6.41 -26.74 19.76
N THR B 370 -7.22 -27.48 19.02
CA THR B 370 -7.08 -27.56 17.56
C THR B 370 -8.30 -26.96 16.86
N LEU B 371 -8.18 -26.76 15.56
CA LEU B 371 -9.26 -26.20 14.77
C LEU B 371 -10.44 -27.16 14.76
N LYS B 372 -10.16 -28.46 14.73
CA LYS B 372 -11.19 -29.47 14.71
C LYS B 372 -12.00 -29.43 16.02
N GLN B 373 -11.31 -29.16 17.12
CA GLN B 373 -11.99 -29.06 18.41
C GLN B 373 -12.86 -27.80 18.47
N ALA B 374 -12.29 -26.67 18.08
CA ALA B 374 -13.03 -25.40 18.12
C ALA B 374 -14.11 -25.20 17.05
N PHE B 375 -13.81 -25.59 15.81
CA PHE B 375 -14.77 -25.42 14.72
C PHE B 375 -14.91 -26.69 13.90
N PRO B 376 -15.53 -27.72 14.49
CA PRO B 376 -15.73 -29.01 13.81
C PRO B 376 -16.57 -28.94 12.55
N ALA B 377 -17.44 -27.93 12.44
CA ALA B 377 -18.29 -27.78 11.26
C ALA B 377 -17.47 -27.61 9.98
N GLU B 378 -16.20 -27.21 10.13
CA GLU B 378 -15.32 -27.02 8.98
C GLU B 378 -14.85 -28.37 8.44
N TYR B 379 -15.11 -29.43 9.19
CA TYR B 379 -14.72 -30.77 8.78
C TYR B 379 -15.96 -31.65 8.60
C1 DAN C . -11.13 14.26 -24.58
C2 DAN C . -11.15 12.87 -24.85
C3 DAN C . -10.58 12.34 -26.14
C4 DAN C . -10.35 10.81 -26.07
C5 DAN C . -11.44 10.12 -25.26
C6 DAN C . -11.43 10.72 -23.84
C7 DAN C . -12.54 10.13 -22.94
C8 DAN C . -12.49 10.68 -21.52
C9 DAN C . -13.62 10.14 -20.60
C10 DAN C . -11.87 7.74 -25.80
C11 DAN C . -11.42 6.30 -25.71
N5 DAN C . -11.13 8.69 -25.25
O1A DAN C . -11.68 14.77 -23.44
O1B DAN C . -10.58 15.08 -25.42
O4 DAN C . -10.32 10.32 -27.43
O6 DAN C . -11.68 12.14 -23.92
O7 DAN C . -13.84 10.51 -23.47
O8 DAN C . -11.23 10.32 -20.94
O9 DAN C . -13.92 8.78 -20.80
O10 DAN C . -13.04 8.00 -26.46
N1 EPE D . 0.52 16.48 -43.60
C2 EPE D . 0.66 16.52 -42.12
C3 EPE D . 1.63 17.58 -41.73
N4 EPE D . 2.99 17.37 -42.34
C5 EPE D . 2.88 17.33 -43.86
C6 EPE D . 1.81 16.34 -44.34
C7 EPE D . 3.92 18.51 -41.90
C8 EPE D . 4.30 18.34 -40.44
O8 EPE D . 3.39 18.95 -39.54
C9 EPE D . -0.45 15.45 -44.05
C10 EPE D . -1.78 15.40 -43.34
S EPE D . -2.91 14.37 -44.32
O1S EPE D . -4.17 14.23 -43.63
O2S EPE D . -2.17 13.19 -44.67
O3S EPE D . -3.31 15.33 -45.61
N1 EPE E . -14.76 17.47 -26.06
C2 EPE E . -13.28 17.25 -26.25
C3 EPE E . -12.85 17.82 -27.57
N4 EPE E . -13.60 17.23 -28.74
C5 EPE E . -15.08 17.42 -28.55
C6 EPE E . -15.56 16.90 -27.19
C7 EPE E . -13.12 17.87 -30.04
C8 EPE E . -12.18 16.94 -30.80
O8 EPE E . -12.18 15.61 -30.30
C9 EPE E . -15.24 16.93 -24.76
C10 EPE E . -14.50 17.46 -23.54
S EPE E . -15.30 16.73 -22.07
O1S EPE E . -14.62 17.20 -20.86
O2S EPE E . -15.35 15.30 -22.29
O3S EPE E . -16.81 17.43 -21.97
C1 DAN F . -6.47 -2.63 30.85
C2 DAN F . -5.18 -2.07 30.61
C3 DAN F . -3.98 -2.71 31.24
C4 DAN F . -2.66 -2.16 30.65
C5 DAN F . -2.79 -0.68 30.31
C6 DAN F . -3.92 -0.53 29.27
C7 DAN F . -4.16 0.95 28.88
C8 DAN F . -5.25 1.12 27.81
C9 DAN F . -5.50 2.59 27.46
C10 DAN F . -0.67 0.63 30.32
C11 DAN F . 0.62 0.98 29.61
N5 DAN F . -1.50 -0.23 29.76
O1A DAN F . -6.64 -3.77 31.58
O1B DAN F . -7.51 -2.07 30.35
O4 DAN F . -1.63 -2.38 31.63
O6 DAN F . -5.16 -1.02 29.84
O7 DAN F . -4.63 1.68 30.03
O8 DAN F . -4.84 0.44 26.63
O9 DAN F . -4.34 3.28 27.06
O10 DAN F . -0.92 1.22 31.53
N1 EPE G . 3.65 -19.12 42.09
C2 EPE G . 2.99 -18.86 40.78
C3 EPE G . 2.23 -20.07 40.34
N4 EPE G . 3.13 -21.28 40.23
C5 EPE G . 3.78 -21.56 41.57
C6 EPE G . 4.49 -20.34 42.14
C7 EPE G . 2.31 -22.50 39.76
C8 EPE G . 1.73 -22.29 38.38
O8 EPE G . 0.40 -21.83 38.40
C9 EPE G . 4.43 -17.95 42.58
C10 EPE G . 3.77 -16.59 42.49
S EPE G . 4.70 -15.45 43.55
O1S EPE G . 4.15 -14.10 43.43
O2S EPE G . 6.10 -15.66 43.25
O3S EPE G . 4.28 -15.89 45.09
N1 EPE H . -9.57 -1.43 34.52
C2 EPE H . -9.01 -2.73 33.99
C3 EPE H . -8.80 -3.67 35.13
N4 EPE H . -7.88 -3.13 36.19
C5 EPE H . -8.40 -1.82 36.71
C6 EPE H . -8.67 -0.83 35.57
C7 EPE H . -7.77 -4.16 37.32
C8 EPE H . -6.32 -4.56 37.54
O8 EPE H . -5.48 -4.35 36.41
C9 EPE H . -9.81 -0.46 33.42
C10 EPE H . -10.72 -0.95 32.32
S EPE H . -10.93 0.41 31.11
O1S EPE H . -11.82 -0.01 30.04
O2S EPE H . -9.59 0.84 30.76
O3S EPE H . -11.79 1.59 31.93
#